data_5C1D
#
_entry.id   5C1D
#
_cell.length_a   138.527
_cell.length_b   151.611
_cell.length_c   200.429
_cell.angle_alpha   90.00
_cell.angle_beta   90.00
_cell.angle_gamma   90.00
#
_symmetry.space_group_name_H-M   'F 2 2 2'
#
loop_
_entity.id
_entity.type
_entity.pdbx_description
1 polymer 'UDP-N-acetylglucosamine--peptide N-acetylglucosaminyltransferase 110 kDa subunit'
2 polymer 'Retinoblastoma-like protein 2'
3 non-polymer '(2S,3R,4R,5S,6R)-3-(acetylamino)-4,5-dihydroxy-6-(hydroxymethyl)tetrahydro-2H-thiopyran-2-yl [(2R,3S,4R,5R)-5-(2,4-dioxo-3,4-dihydropyrimidin-1(2H)-yl)-3,4-dihydroxytetrahydrofuran-2-yl]methyl dihydrogen diphosphate'
4 non-polymer 'PHOSPHATE ION'
5 water water
#
loop_
_entity_poly.entity_id
_entity_poly.type
_entity_poly.pdbx_seq_one_letter_code
_entity_poly.pdbx_strand_id
1 'polypeptide(L)'
;GPGSCPTHADSLNNLANIKREQGNIEEAVRLYRKALEVFPEFAAAHSNLASVLQQQGKLQEALMHYKEAIRISPTFADAY
SNMGNTLKEMQDVQGALQCYTRAIQINPAFADAHSNLASIHKDSGNIPEAIASYRTALKLKPDFPDAYCNLAHCLQIVCD
WTDYDERMKKLVSIVADQLEKNRLPSVHPHHSMLYPLSHGFRKAIAERHGNLCLDKINVLHKPPYEHPKDLKLSDGRLRV
GYVSSDFGNHPTSHLMQSIPGMHNPDKFEVFCYALSPDDGTNFRVKVMAEANHFIDLSQIPCNGKAADRIHQDGIHILVN
MNGYTKGARNELFALRPAPIQAMWLGYPGTSGALFMDYIITDQETSPAEVAEQYSEKLAYMPHTFFIGDHANMFPHLKKK
AVIDFKSNGHIYDNRIVLNGIDLKAFLDSLPDVKIVKMKCPDGGDNADSSNTALNMPVIPMNTIAEAVIEMINRGQIQIT
INGFSISNGLATTQINNKAATGEEVPRTIIVTTRSQYGLPEDAIVYCNFNQLYKIDPSTLQMWANILKRVPNSVLWLLRF
PAVGEPNIQQYAQNMGLPQNRIIFSPVAPKEEHVRRGQLADVCLDTPLCNGHTTGMDVLWAGTPMVTMPGETLASRVAAS
QLTCLGCLELIAKNRQEYEDIAVKLGTDLEYLKKVRGKVWKQRISSPLFNTKQYTMELERLYLQMWEHYAAGNKPDHMIK
PVE
;
A
2 'polypeptide(L)' VTPVSTAA C
#
loop_
_chem_comp.id
_chem_comp.type
_chem_comp.name
_chem_comp.formula
12V non-polymer '(2S,3R,4R,5S,6R)-3-(acetylamino)-4,5-dihydroxy-6-(hydroxymethyl)tetrahydro-2H-thiopyran-2-yl [(2R,3S,4R,5R)-5-(2,4-dioxo-3,4-dihydropyrimidin-1(2H)-yl)-3,4-dihydroxytetrahydrofuran-2-yl]methyl dihydrogen diphosphate' 'C17 H27 N3 O16 P2 S'
PO4 non-polymer 'PHOSPHATE ION' 'O4 P -3'
#
# COMPACT_ATOMS: atom_id res chain seq x y z
N THR A 7 16.12 47.23 7.28
CA THR A 7 17.33 46.41 6.95
C THR A 7 17.82 45.62 8.17
N HIS A 8 17.63 46.17 9.38
CA HIS A 8 17.83 45.39 10.59
C HIS A 8 16.87 44.18 10.55
N ALA A 9 15.57 44.47 10.43
CA ALA A 9 14.55 43.43 10.24
C ALA A 9 14.84 42.44 9.09
N ASP A 10 15.32 42.93 7.94
CA ASP A 10 15.63 42.05 6.80
C ASP A 10 16.67 41.00 7.11
N SER A 11 17.74 41.41 7.79
CA SER A 11 18.88 40.52 8.07
C SER A 11 18.48 39.42 9.04
N LEU A 12 17.62 39.77 10.00
CA LEU A 12 16.98 38.78 10.88
C LEU A 12 16.17 37.77 10.05
N ASN A 13 15.29 38.30 9.21
CA ASN A 13 14.48 37.49 8.30
C ASN A 13 15.32 36.57 7.39
N ASN A 14 16.32 37.17 6.73
CA ASN A 14 17.19 36.41 5.83
C ASN A 14 17.95 35.33 6.58
N LEU A 15 18.44 35.68 7.76
CA LEU A 15 19.12 34.68 8.59
C LEU A 15 18.16 33.51 8.93
N ALA A 16 16.97 33.89 9.40
CA ALA A 16 15.92 32.93 9.73
C ALA A 16 15.64 32.00 8.55
N ASN A 17 15.43 32.58 7.37
CA ASN A 17 15.22 31.78 6.17
C ASN A 17 16.30 30.70 5.96
N ILE A 18 17.56 31.06 6.20
CA ILE A 18 18.70 30.14 6.02
C ILE A 18 18.75 29.12 7.15
N LYS A 19 18.56 29.56 8.39
CA LYS A 19 18.45 28.62 9.52
C LYS A 19 17.35 27.60 9.31
N ARG A 20 16.32 28.01 8.56
CA ARG A 20 15.24 27.11 8.18
C ARG A 20 15.67 26.14 7.08
N GLU A 21 16.19 26.67 5.95
CA GLU A 21 16.81 25.85 4.90
C GLU A 21 17.68 24.76 5.55
N GLN A 22 18.42 25.13 6.58
CA GLN A 22 19.31 24.21 7.29
C GLN A 22 18.61 23.12 8.12
N GLY A 23 17.36 23.34 8.48
CA GLY A 23 16.66 22.46 9.39
C GLY A 23 16.77 22.90 10.84
N ASN A 24 17.21 24.13 11.06
CA ASN A 24 17.24 24.66 12.41
C ASN A 24 15.99 25.47 12.71
N ILE A 25 14.92 24.73 13.01
CA ILE A 25 13.57 25.25 13.05
C ILE A 25 13.38 26.19 14.22
N GLU A 26 13.75 25.74 15.42
CA GLU A 26 13.66 26.58 16.62
C GLU A 26 14.35 27.93 16.46
N GLU A 27 15.54 27.93 15.88
CA GLU A 27 16.30 29.16 15.69
C GLU A 27 15.64 30.08 14.66
N ALA A 28 15.15 29.47 13.57
CA ALA A 28 14.38 30.21 12.56
C ALA A 28 13.17 30.94 13.18
N VAL A 29 12.39 30.23 13.98
CA VAL A 29 11.19 30.80 14.63
C VAL A 29 11.59 32.03 15.43
N ARG A 30 12.60 31.88 16.29
CA ARG A 30 13.08 32.99 17.15
C ARG A 30 13.48 34.22 16.35
N LEU A 31 14.17 33.97 15.24
CA LEU A 31 14.63 35.07 14.40
C LEU A 31 13.46 35.78 13.73
N TYR A 32 12.48 35.04 13.24
CA TYR A 32 11.30 35.70 12.65
C TYR A 32 10.58 36.55 13.69
N ARG A 33 10.44 36.02 14.92
CA ARG A 33 9.75 36.76 15.97
C ARG A 33 10.48 38.05 16.24
N LYS A 34 11.81 37.97 16.30
CA LYS A 34 12.62 39.14 16.54
C LYS A 34 12.47 40.11 15.38
N ALA A 35 12.51 39.64 14.13
CA ALA A 35 12.18 40.50 12.99
C ALA A 35 10.87 41.29 13.15
N LEU A 36 9.85 40.65 13.74
CA LEU A 36 8.52 41.28 13.84
C LEU A 36 8.45 42.22 15.03
N GLU A 37 9.17 41.90 16.09
CA GLU A 37 9.34 42.84 17.18
C GLU A 37 10.00 44.11 16.67
N VAL A 38 11.01 43.96 15.84
CA VAL A 38 11.71 45.10 15.25
C VAL A 38 10.80 45.83 14.26
N PHE A 39 10.08 45.08 13.43
CA PHE A 39 9.22 45.68 12.41
C PHE A 39 7.90 44.91 12.28
N PRO A 40 6.87 45.30 13.08
CA PRO A 40 5.61 44.53 13.16
C PRO A 40 4.84 44.39 11.85
N GLU A 41 4.83 45.40 11.01
CA GLU A 41 4.14 45.34 9.72
C GLU A 41 4.93 44.70 8.58
N PHE A 42 5.75 43.71 8.91
CA PHE A 42 6.63 43.06 7.94
C PHE A 42 5.92 41.82 7.38
N ALA A 43 5.29 41.98 6.22
CA ALA A 43 4.46 40.93 5.64
C ALA A 43 5.21 39.61 5.42
N ALA A 44 6.42 39.70 4.86
CA ALA A 44 7.24 38.51 4.56
C ALA A 44 7.58 37.70 5.80
N ALA A 45 7.89 38.39 6.88
CA ALA A 45 8.28 37.71 8.11
C ALA A 45 7.10 36.95 8.73
N HIS A 46 5.91 37.57 8.67
CA HIS A 46 4.65 36.90 9.11
C HIS A 46 4.46 35.62 8.34
N SER A 47 4.56 35.73 7.02
CA SER A 47 4.36 34.59 6.14
C SER A 47 5.38 33.49 6.38
N ASN A 48 6.66 33.88 6.53
CA ASN A 48 7.72 32.90 6.78
C ASN A 48 7.54 32.24 8.14
N LEU A 49 7.22 33.05 9.15
CA LEU A 49 6.96 32.55 10.48
C LEU A 49 5.79 31.60 10.39
N ALA A 50 4.75 32.01 9.66
CA ALA A 50 3.60 31.14 9.49
C ALA A 50 4.04 29.78 8.93
N SER A 51 4.87 29.79 7.88
CA SER A 51 5.32 28.54 7.26
C SER A 51 6.10 27.63 8.20
N VAL A 52 6.91 28.20 9.07
CA VAL A 52 7.65 27.33 9.99
C VAL A 52 6.78 26.86 11.18
N LEU A 53 5.81 27.68 11.60
CA LEU A 53 4.83 27.22 12.58
C LEU A 53 4.02 26.04 12.02
N GLN A 54 3.66 26.14 10.73
CA GLN A 54 2.97 25.07 10.02
C GLN A 54 3.81 23.78 10.01
N GLN A 55 5.09 23.91 9.68
CA GLN A 55 6.02 22.78 9.72
C GLN A 55 6.05 22.06 11.10
N GLN A 56 5.93 22.84 12.17
CA GLN A 56 5.86 22.33 13.55
C GLN A 56 4.47 21.89 14.01
N GLY A 57 3.46 21.88 13.13
CA GLY A 57 2.09 21.48 13.52
C GLY A 57 1.23 22.55 14.20
N LYS A 58 1.74 23.77 14.33
CA LYS A 58 0.99 24.86 14.97
C LYS A 58 0.12 25.59 13.96
N LEU A 59 -0.93 24.92 13.54
CA LEU A 59 -1.66 25.30 12.32
C LEU A 59 -2.54 26.53 12.52
N GLN A 60 -3.18 26.68 13.68
CA GLN A 60 -3.94 27.89 13.98
C GLN A 60 -3.04 29.12 14.07
N GLU A 61 -1.93 29.01 14.79
CA GLU A 61 -1.01 30.14 14.91
C GLU A 61 -0.50 30.55 13.53
N ALA A 62 -0.10 29.57 12.73
CA ALA A 62 0.34 29.86 11.36
C ALA A 62 -0.71 30.65 10.60
N LEU A 63 -1.94 30.15 10.64
CA LEU A 63 -3.05 30.76 9.93
C LEU A 63 -3.21 32.23 10.31
N MET A 64 -3.05 32.51 11.60
CA MET A 64 -3.18 33.89 12.10
C MET A 64 -2.10 34.79 11.48
N HIS A 65 -0.87 34.30 11.39
CA HIS A 65 0.21 35.05 10.72
C HIS A 65 0.05 35.16 9.20
N TYR A 66 -0.45 34.12 8.55
CA TYR A 66 -0.72 34.26 7.13
C TYR A 66 -1.73 35.39 6.89
N LYS A 67 -2.74 35.47 7.74
CA LYS A 67 -3.78 36.50 7.57
C LYS A 67 -3.26 37.92 7.83
N GLU A 68 -2.43 38.07 8.85
CA GLU A 68 -1.76 39.33 9.12
C GLU A 68 -0.89 39.70 7.91
N ALA A 69 -0.17 38.73 7.36
CA ALA A 69 0.62 39.01 6.17
C ALA A 69 -0.24 39.52 5.03
N ILE A 70 -1.39 38.89 4.82
CA ILE A 70 -2.31 39.32 3.74
C ILE A 70 -2.99 40.66 4.06
N ARG A 71 -3.30 40.90 5.33
CA ARG A 71 -3.86 42.18 5.69
C ARG A 71 -2.84 43.31 5.41
N ILE A 72 -1.59 43.11 5.80
CA ILE A 72 -0.52 44.04 5.41
C ILE A 72 -0.37 44.16 3.89
N SER A 73 -0.34 43.06 3.16
CA SER A 73 -0.16 43.12 1.70
C SER A 73 -1.24 42.30 0.96
N PRO A 74 -2.40 42.91 0.67
CA PRO A 74 -3.51 42.18 0.06
C PRO A 74 -3.17 41.35 -1.17
N THR A 75 -2.13 41.71 -1.90
CA THR A 75 -1.77 40.98 -3.11
C THR A 75 -0.57 40.06 -2.94
N PHE A 76 -0.30 39.62 -1.71
CA PHE A 76 0.82 38.70 -1.41
C PHE A 76 0.45 37.25 -1.82
N ALA A 77 0.53 36.94 -3.11
CA ALA A 77 0.08 35.64 -3.63
C ALA A 77 0.71 34.47 -2.91
N ASP A 78 1.98 34.62 -2.54
CA ASP A 78 2.72 33.58 -1.86
C ASP A 78 2.08 33.23 -0.50
N ALA A 79 1.62 34.23 0.23
CA ALA A 79 0.96 33.98 1.52
C ALA A 79 -0.32 33.18 1.37
N TYR A 80 -1.10 33.50 0.34
CA TYR A 80 -2.33 32.77 0.04
C TYR A 80 -2.00 31.30 -0.28
N SER A 81 -0.97 31.11 -1.12
CA SER A 81 -0.58 29.79 -1.57
C SER A 81 -0.18 28.92 -0.40
N ASN A 82 0.72 29.43 0.43
CA ASN A 82 1.08 28.71 1.65
C ASN A 82 -0.03 28.58 2.68
N MET A 83 -0.88 29.60 2.80
CA MET A 83 -2.03 29.48 3.67
C MET A 83 -2.88 28.31 3.17
N GLY A 84 -3.04 28.20 1.87
CA GLY A 84 -3.80 27.10 1.29
C GLY A 84 -3.30 25.72 1.72
N ASN A 85 -1.98 25.61 1.87
CA ASN A 85 -1.36 24.37 2.32
C ASN A 85 -1.65 24.10 3.78
N THR A 86 -1.72 25.16 4.57
CA THR A 86 -2.09 25.00 5.95
C THR A 86 -3.54 24.47 6.05
N LEU A 87 -4.44 25.06 5.27
CA LEU A 87 -5.85 24.65 5.32
C LEU A 87 -5.99 23.19 4.84
N LYS A 88 -5.16 22.82 3.86
CA LYS A 88 -5.18 21.46 3.35
C LYS A 88 -4.73 20.51 4.45
N GLU A 89 -3.65 20.84 5.14
CA GLU A 89 -3.22 20.06 6.29
C GLU A 89 -4.34 19.92 7.36
N MET A 90 -5.16 20.95 7.54
CA MET A 90 -6.31 20.89 8.44
C MET A 90 -7.56 20.20 7.89
N GLN A 91 -7.46 19.55 6.72
CA GLN A 91 -8.62 18.90 6.08
C GLN A 91 -9.66 19.84 5.51
N ASP A 92 -9.33 21.13 5.38
CA ASP A 92 -10.25 22.08 4.84
C ASP A 92 -9.95 22.30 3.37
N VAL A 93 -10.29 21.29 2.58
CA VAL A 93 -10.09 21.27 1.14
C VAL A 93 -10.71 22.48 0.43
N GLN A 94 -11.93 22.82 0.79
CA GLN A 94 -12.61 23.99 0.23
C GLN A 94 -11.86 25.31 0.51
N GLY A 95 -11.36 25.47 1.72
CA GLY A 95 -10.54 26.62 2.10
C GLY A 95 -9.24 26.63 1.32
N ALA A 96 -8.65 25.46 1.18
CA ALA A 96 -7.39 25.33 0.43
C ALA A 96 -7.57 25.73 -1.03
N LEU A 97 -8.64 25.28 -1.63
CA LEU A 97 -8.92 25.64 -3.02
C LEU A 97 -9.16 27.11 -3.15
N GLN A 98 -9.91 27.67 -2.21
CA GLN A 98 -10.15 29.09 -2.20
C GLN A 98 -8.85 29.89 -2.15
N CYS A 99 -7.88 29.44 -1.35
CA CYS A 99 -6.60 30.13 -1.29
C CYS A 99 -5.75 29.97 -2.55
N TYR A 100 -5.61 28.74 -3.03
CA TYR A 100 -4.82 28.51 -4.24
C TYR A 100 -5.37 29.29 -5.42
N THR A 101 -6.68 29.26 -5.60
CA THR A 101 -7.27 29.88 -6.76
C THR A 101 -7.19 31.42 -6.64
N ARG A 102 -7.28 31.91 -5.41
CA ARG A 102 -7.03 33.33 -5.15
C ARG A 102 -5.58 33.73 -5.48
N ALA A 103 -4.61 32.91 -5.09
CA ALA A 103 -3.22 33.22 -5.41
C ALA A 103 -2.94 33.22 -6.93
N ILE A 104 -3.63 32.34 -7.66
CA ILE A 104 -3.45 32.25 -9.12
C ILE A 104 -4.14 33.44 -9.83
N GLN A 105 -5.26 33.88 -9.28
CA GLN A 105 -5.98 35.08 -9.76
C GLN A 105 -5.10 36.31 -9.59
N ILE A 106 -4.47 36.42 -8.43
CA ILE A 106 -3.55 37.53 -8.16
C ILE A 106 -2.38 37.53 -9.11
N ASN A 107 -1.74 36.37 -9.26
CA ASN A 107 -0.59 36.22 -10.15
C ASN A 107 -0.65 34.89 -10.93
N PRO A 108 -1.20 34.92 -12.15
CA PRO A 108 -1.34 33.70 -12.94
C PRO A 108 -0.02 33.08 -13.37
N ALA A 109 1.09 33.80 -13.20
CA ALA A 109 2.40 33.26 -13.50
C ALA A 109 3.09 32.70 -12.27
N PHE A 110 2.34 32.46 -11.21
CA PHE A 110 2.95 32.00 -9.97
C PHE A 110 3.02 30.47 -9.96
N ALA A 111 4.19 29.93 -10.28
CA ALA A 111 4.33 28.48 -10.56
C ALA A 111 3.99 27.61 -9.35
N ASP A 112 4.48 27.99 -8.18
CA ASP A 112 4.24 27.25 -6.95
C ASP A 112 2.75 27.04 -6.64
N ALA A 113 1.95 28.08 -6.86
CA ALA A 113 0.51 28.00 -6.62
C ALA A 113 -0.13 27.01 -7.54
N HIS A 114 0.33 26.98 -8.78
CA HIS A 114 -0.21 26.04 -9.77
C HIS A 114 0.12 24.63 -9.32
N SER A 115 1.35 24.44 -8.88
CA SER A 115 1.81 23.16 -8.36
C SER A 115 1.00 22.68 -7.13
N ASN A 116 0.77 23.57 -6.17
CA ASN A 116 -0.06 23.25 -5.02
C ASN A 116 -1.49 22.93 -5.45
N LEU A 117 -2.02 23.68 -6.39
CA LEU A 117 -3.38 23.36 -6.86
C LEU A 117 -3.40 21.96 -7.49
N ALA A 118 -2.35 21.63 -8.25
CA ALA A 118 -2.30 20.35 -8.95
C ALA A 118 -2.41 19.22 -7.95
N SER A 119 -1.67 19.35 -6.86
N SER A 119 -1.64 19.32 -6.87
CA SER A 119 -1.61 18.32 -5.84
CA SER A 119 -1.64 18.33 -5.82
C SER A 119 -2.92 18.09 -5.10
C SER A 119 -3.01 18.06 -5.27
N ILE A 120 -3.77 19.10 -4.98
CA ILE A 120 -5.07 18.91 -4.35
C ILE A 120 -6.04 18.30 -5.35
N HIS A 121 -5.85 18.61 -6.63
CA HIS A 121 -6.51 17.88 -7.69
C HIS A 121 -6.20 16.39 -7.68
N LYS A 122 -4.92 16.06 -7.57
CA LYS A 122 -4.47 14.69 -7.51
C LYS A 122 -5.16 14.00 -6.32
N ASP A 123 -4.95 14.55 -5.12
CA ASP A 123 -5.50 13.99 -3.89
C ASP A 123 -7.00 13.75 -3.94
N SER A 124 -7.73 14.60 -4.65
CA SER A 124 -9.17 14.49 -4.77
C SER A 124 -9.66 13.51 -5.82
N GLY A 125 -8.74 12.97 -6.63
CA GLY A 125 -9.10 11.99 -7.66
C GLY A 125 -9.34 12.59 -9.03
N ASN A 126 -8.67 13.72 -9.31
CA ASN A 126 -8.79 14.38 -10.60
C ASN A 126 -7.39 14.48 -11.24
N ILE A 127 -6.93 13.34 -11.79
CA ILE A 127 -5.58 13.26 -12.32
C ILE A 127 -5.39 14.12 -13.56
N PRO A 128 -6.37 14.16 -14.48
CA PRO A 128 -6.21 14.98 -15.67
C PRO A 128 -6.04 16.46 -15.34
N GLU A 129 -6.80 16.96 -14.37
CA GLU A 129 -6.63 18.36 -13.99
C GLU A 129 -5.29 18.55 -13.24
N ALA A 130 -4.86 17.56 -12.48
CA ALA A 130 -3.55 17.64 -11.79
C ALA A 130 -2.40 17.73 -12.76
N ILE A 131 -2.45 16.88 -13.78
CA ILE A 131 -1.44 16.88 -14.82
C ILE A 131 -1.42 18.26 -15.49
N ALA A 132 -2.59 18.78 -15.85
CA ALA A 132 -2.67 20.07 -16.52
C ALA A 132 -2.04 21.20 -15.70
N SER A 133 -2.32 21.22 -14.38
CA SER A 133 -1.77 22.26 -13.51
C SER A 133 -0.26 22.09 -13.30
N TYR A 134 0.23 20.84 -13.26
CA TYR A 134 1.68 20.65 -13.13
C TYR A 134 2.40 21.10 -14.40
N ARG A 135 1.73 20.98 -15.55
CA ARG A 135 2.32 21.41 -16.82
C ARG A 135 2.39 22.92 -16.88
N THR A 136 1.30 23.58 -16.47
CA THR A 136 1.33 25.03 -16.32
C THR A 136 2.48 25.40 -15.40
N ALA A 137 2.61 24.73 -14.26
CA ALA A 137 3.69 25.07 -13.34
C ALA A 137 5.04 24.98 -14.04
N LEU A 138 5.26 23.91 -14.79
CA LEU A 138 6.57 23.66 -15.39
C LEU A 138 6.82 24.55 -16.62
N LYS A 139 5.75 24.94 -17.29
CA LYS A 139 5.83 25.95 -18.32
C LYS A 139 6.29 27.26 -17.73
N LEU A 140 5.72 27.65 -16.58
CA LEU A 140 6.08 28.92 -15.95
C LEU A 140 7.49 28.88 -15.36
N LYS A 141 7.90 27.73 -14.86
CA LYS A 141 9.20 27.58 -14.21
C LYS A 141 9.79 26.21 -14.56
N PRO A 142 10.54 26.12 -15.67
CA PRO A 142 10.99 24.81 -16.12
C PRO A 142 11.92 24.09 -15.16
N ASP A 143 12.64 24.81 -14.31
CA ASP A 143 13.44 24.14 -13.28
C ASP A 143 12.63 24.11 -11.99
N PHE A 144 11.82 23.06 -11.82
CA PHE A 144 10.93 22.93 -10.67
C PHE A 144 10.85 21.45 -10.33
N PRO A 145 11.84 20.92 -9.61
CA PRO A 145 11.91 19.48 -9.30
C PRO A 145 10.62 18.88 -8.70
N ASP A 146 10.05 19.53 -7.67
CA ASP A 146 8.84 18.97 -7.03
C ASP A 146 7.72 18.75 -8.03
N ALA A 147 7.49 19.70 -8.92
CA ALA A 147 6.42 19.59 -9.92
C ALA A 147 6.72 18.54 -11.02
N TYR A 148 8.00 18.43 -11.39
CA TYR A 148 8.36 17.48 -12.42
C TYR A 148 8.14 16.06 -11.90
N CYS A 149 8.62 15.79 -10.71
CA CYS A 149 8.49 14.48 -10.10
C CYS A 149 7.04 14.15 -9.72
N ASN A 150 6.29 15.11 -9.19
CA ASN A 150 4.87 14.87 -8.92
C ASN A 150 4.15 14.60 -10.22
N LEU A 151 4.50 15.32 -11.28
CA LEU A 151 3.86 15.08 -12.59
C LEU A 151 4.16 13.64 -13.06
N ALA A 152 5.42 13.24 -12.85
CA ALA A 152 5.89 11.94 -13.28
C ALA A 152 5.05 10.86 -12.60
N HIS A 153 4.76 11.03 -11.32
CA HIS A 153 3.92 10.08 -10.61
C HIS A 153 2.49 10.08 -11.14
N CYS A 154 1.91 11.24 -11.44
CA CYS A 154 0.57 11.24 -12.05
C CYS A 154 0.52 10.46 -13.37
N LEU A 155 1.54 10.65 -14.21
CA LEU A 155 1.62 9.98 -15.51
C LEU A 155 1.76 8.48 -15.29
N GLN A 156 2.57 8.11 -14.32
CA GLN A 156 2.70 6.71 -13.92
C GLN A 156 1.34 6.10 -13.58
N ILE A 157 0.55 6.81 -12.77
CA ILE A 157 -0.73 6.31 -12.30
C ILE A 157 -1.69 6.02 -13.42
N VAL A 158 -1.63 6.83 -14.47
CA VAL A 158 -2.54 6.62 -15.59
C VAL A 158 -1.88 5.88 -16.76
N CYS A 159 -0.68 5.35 -16.55
CA CYS A 159 0.06 4.65 -17.61
C CYS A 159 0.24 5.52 -18.84
N ASP A 160 0.63 6.77 -18.61
CA ASP A 160 1.06 7.66 -19.69
C ASP A 160 2.56 7.53 -19.74
N TRP A 161 3.03 6.91 -20.82
CA TRP A 161 4.42 6.61 -21.02
C TRP A 161 4.98 7.44 -22.19
N THR A 162 4.37 8.58 -22.48
CA THR A 162 4.95 9.50 -23.47
C THR A 162 6.37 9.85 -23.05
N ASP A 163 7.31 9.66 -23.97
CA ASP A 163 8.72 9.95 -23.74
C ASP A 163 9.24 9.34 -22.43
N TYR A 164 8.88 8.08 -22.21
CA TYR A 164 9.17 7.40 -20.94
C TYR A 164 10.63 7.37 -20.54
N ASP A 165 11.49 6.90 -21.45
CA ASP A 165 12.91 6.70 -21.11
C ASP A 165 13.63 8.00 -20.77
N GLU A 166 13.27 9.08 -21.48
CA GLU A 166 13.80 10.40 -21.16
C GLU A 166 13.26 10.89 -19.81
N ARG A 167 11.96 10.68 -19.57
CA ARG A 167 11.38 11.02 -18.26
C ARG A 167 12.19 10.32 -17.17
N MET A 168 12.43 9.02 -17.33
CA MET A 168 13.15 8.26 -16.32
C MET A 168 14.52 8.84 -16.03
N LYS A 169 15.33 9.09 -17.05
CA LYS A 169 16.69 9.64 -16.75
C LYS A 169 16.62 11.09 -16.30
N LYS A 170 15.59 11.81 -16.74
CA LYS A 170 15.33 13.13 -16.17
C LYS A 170 15.09 13.01 -14.67
N LEU A 171 14.32 12.00 -14.23
CA LEU A 171 14.10 11.81 -12.80
C LEU A 171 15.40 11.46 -12.07
N VAL A 172 16.23 10.64 -12.70
CA VAL A 172 17.51 10.27 -12.08
C VAL A 172 18.42 11.48 -11.91
N SER A 173 18.53 12.32 -12.94
CA SER A 173 19.45 13.46 -12.85
C SER A 173 18.97 14.45 -11.82
N ILE A 174 17.65 14.65 -11.75
CA ILE A 174 17.09 15.55 -10.76
C ILE A 174 17.48 15.11 -9.36
N VAL A 175 17.38 13.81 -9.11
CA VAL A 175 17.73 13.27 -7.80
C VAL A 175 19.21 13.41 -7.52
N ALA A 176 20.04 13.02 -8.50
CA ALA A 176 21.50 13.15 -8.38
C ALA A 176 21.87 14.56 -7.96
N ASP A 177 21.34 15.53 -8.69
CA ASP A 177 21.59 16.95 -8.40
C ASP A 177 21.16 17.37 -7.00
N GLN A 178 19.97 16.93 -6.59
CA GLN A 178 19.45 17.29 -5.28
C GLN A 178 20.25 16.66 -4.16
N LEU A 179 20.67 15.42 -4.38
CA LEU A 179 21.53 14.74 -3.42
C LEU A 179 22.88 15.43 -3.35
N GLU A 180 23.45 15.74 -4.51
CA GLU A 180 24.69 16.54 -4.58
C GLU A 180 24.60 17.74 -3.67
N LYS A 181 23.53 18.51 -3.84
CA LYS A 181 23.36 19.76 -3.10
C LYS A 181 22.77 19.60 -1.69
N ASN A 182 22.59 18.36 -1.23
CA ASN A 182 22.01 18.06 0.09
C ASN A 182 20.63 18.66 0.33
N ARG A 183 19.85 18.72 -0.74
CA ARG A 183 18.49 19.19 -0.66
C ARG A 183 17.60 17.97 -0.56
N LEU A 184 16.34 18.20 -0.21
CA LEU A 184 15.38 17.12 -0.08
C LEU A 184 15.01 16.63 -1.47
N PRO A 185 15.18 15.33 -1.73
CA PRO A 185 14.81 14.85 -3.05
C PRO A 185 13.31 14.94 -3.32
N SER A 186 12.96 15.35 -4.54
CA SER A 186 11.56 15.51 -4.96
C SER A 186 10.87 14.17 -5.22
N VAL A 187 11.65 13.10 -5.36
CA VAL A 187 11.09 11.76 -5.46
C VAL A 187 10.78 11.30 -4.03
N HIS A 188 9.54 10.89 -3.80
CA HIS A 188 9.14 10.40 -2.50
C HIS A 188 9.74 9.01 -2.33
N PRO A 189 10.23 8.65 -1.14
CA PRO A 189 10.88 7.35 -0.95
C PRO A 189 10.05 6.17 -1.42
N HIS A 190 8.77 6.20 -1.09
CA HIS A 190 7.80 5.19 -1.50
C HIS A 190 7.70 4.96 -3.01
N HIS A 191 7.95 6.00 -3.81
CA HIS A 191 7.89 5.85 -5.27
C HIS A 191 9.22 5.48 -5.91
N SER A 192 10.27 5.44 -5.11
CA SER A 192 11.63 5.36 -5.66
C SER A 192 11.87 4.01 -6.32
N MET A 193 11.12 3.01 -5.89
CA MET A 193 11.16 1.69 -6.51
C MET A 193 10.62 1.69 -7.95
N LEU A 194 9.87 2.70 -8.37
CA LEU A 194 9.26 2.65 -9.70
C LEU A 194 10.20 3.11 -10.81
N TYR A 195 11.33 3.70 -10.41
CA TYR A 195 12.21 4.45 -11.31
C TYR A 195 13.57 3.80 -11.27
N PRO A 196 14.32 3.87 -12.39
CA PRO A 196 15.59 3.16 -12.48
C PRO A 196 16.73 3.88 -11.77
N LEU A 197 16.57 4.16 -10.49
CA LEU A 197 17.60 4.80 -9.69
C LEU A 197 18.56 3.73 -9.20
N SER A 198 19.79 4.12 -8.82
CA SER A 198 20.72 3.17 -8.21
C SER A 198 20.25 2.85 -6.80
N HIS A 199 20.81 1.82 -6.20
CA HIS A 199 20.45 1.45 -4.83
C HIS A 199 20.88 2.53 -3.85
N GLY A 200 22.07 3.09 -4.08
CA GLY A 200 22.58 4.14 -3.23
C GLY A 200 21.61 5.30 -3.23
N PHE A 201 21.05 5.59 -4.40
CA PHE A 201 20.07 6.67 -4.52
C PHE A 201 18.77 6.35 -3.78
N ARG A 202 18.31 5.11 -3.86
CA ARG A 202 17.06 4.74 -3.16
C ARG A 202 17.23 4.89 -1.67
N LYS A 203 18.29 4.28 -1.15
CA LYS A 203 18.66 4.43 0.25
C LYS A 203 18.83 5.88 0.68
N ALA A 204 19.46 6.69 -0.18
CA ALA A 204 19.76 8.08 0.18
C ALA A 204 18.48 8.89 0.30
N ILE A 205 17.61 8.69 -0.69
CA ILE A 205 16.29 9.34 -0.67
C ILE A 205 15.55 9.06 0.65
N ALA A 206 15.52 7.81 1.05
CA ALA A 206 14.87 7.43 2.30
C ALA A 206 15.56 8.11 3.47
N GLU A 207 16.89 8.05 3.50
CA GLU A 207 17.68 8.66 4.58
C GLU A 207 17.32 10.14 4.77
N ARG A 208 17.31 10.90 3.67
CA ARG A 208 17.02 12.33 3.74
C ARG A 208 15.59 12.60 4.26
N HIS A 209 14.65 11.69 3.97
CA HIS A 209 13.27 11.86 4.46
C HIS A 209 13.19 11.51 5.94
N GLY A 210 13.89 10.46 6.33
CA GLY A 210 14.09 10.16 7.76
C GLY A 210 14.59 11.38 8.52
N ASN A 211 15.53 12.09 7.89
CA ASN A 211 16.15 13.26 8.50
C ASN A 211 15.18 14.36 8.89
N LEU A 212 14.16 14.62 8.06
CA LEU A 212 13.14 15.61 8.39
C LEU A 212 12.52 15.36 9.76
N CYS A 213 12.40 14.09 10.13
CA CYS A 213 11.83 13.72 11.44
C CYS A 213 12.76 14.08 12.57
N LEU A 214 14.04 13.78 12.40
CA LEU A 214 15.07 14.15 13.38
C LEU A 214 15.12 15.66 13.60
N ASP A 215 15.06 16.43 12.52
CA ASP A 215 15.04 17.89 12.61
C ASP A 215 13.82 18.38 13.42
N LYS A 216 12.65 17.81 13.14
CA LYS A 216 11.42 18.24 13.82
C LYS A 216 11.46 17.98 15.33
N ILE A 217 12.10 16.87 15.77
CA ILE A 217 12.13 16.51 17.19
C ILE A 217 13.18 17.23 18.05
N ASN A 218 14.18 17.82 17.42
CA ASN A 218 15.22 18.54 18.18
C ASN A 218 14.72 19.79 18.88
N VAL A 219 13.70 20.45 18.33
CA VAL A 219 13.04 21.56 19.04
C VAL A 219 12.57 21.15 20.45
N LEU A 220 12.27 19.87 20.63
CA LEU A 220 11.80 19.34 21.94
C LEU A 220 12.94 19.16 22.96
N HIS A 221 14.15 18.89 22.47
CA HIS A 221 15.35 18.80 23.33
C HIS A 221 15.31 17.65 24.30
N LYS A 222 14.59 16.59 23.96
CA LYS A 222 14.47 15.47 24.88
C LYS A 222 15.83 14.81 25.15
N PRO A 223 16.11 14.51 26.43
CA PRO A 223 17.25 13.64 26.67
C PRO A 223 16.95 12.29 26.09
N PRO A 224 17.98 11.51 25.75
CA PRO A 224 17.70 10.13 25.38
C PRO A 224 16.83 9.44 26.42
N TYR A 225 16.11 8.40 26.00
CA TYR A 225 15.32 7.59 26.92
C TYR A 225 16.22 6.46 27.43
N GLU A 226 15.98 6.03 28.66
CA GLU A 226 16.69 4.87 29.23
C GLU A 226 15.87 3.60 29.06
N HIS A 227 16.55 2.52 28.68
CA HIS A 227 15.86 1.33 28.21
C HIS A 227 16.05 0.12 29.10
N PRO A 228 14.96 -0.60 29.39
CA PRO A 228 15.02 -1.91 30.07
C PRO A 228 16.13 -2.81 29.54
N LYS A 229 16.86 -3.46 30.44
CA LYS A 229 17.94 -4.39 30.08
C LYS A 229 17.53 -5.86 30.27
N ASP A 230 16.42 -6.08 30.95
CA ASP A 230 15.87 -7.42 31.17
C ASP A 230 14.33 -7.31 31.20
N LEU A 231 13.66 -8.44 31.44
CA LEU A 231 12.19 -8.49 31.42
C LEU A 231 11.58 -8.62 32.82
N LYS A 232 12.30 -8.18 33.84
CA LYS A 232 11.90 -8.38 35.23
C LYS A 232 10.63 -7.64 35.61
N LEU A 233 10.51 -6.38 35.20
CA LEU A 233 9.32 -5.60 35.57
C LEU A 233 8.12 -5.89 34.67
N SER A 234 8.33 -6.60 33.56
CA SER A 234 7.25 -7.07 32.71
C SER A 234 6.90 -8.55 33.00
N ASP A 235 7.26 -9.03 34.19
CA ASP A 235 6.99 -10.41 34.62
C ASP A 235 7.51 -11.46 33.65
N GLY A 236 8.64 -11.18 33.02
CA GLY A 236 9.23 -12.12 32.06
C GLY A 236 8.62 -12.05 30.67
N ARG A 237 7.85 -11.00 30.41
CA ARG A 237 7.19 -10.81 29.12
C ARG A 237 7.88 -9.74 28.29
N LEU A 238 8.13 -10.05 27.03
CA LEU A 238 8.62 -9.09 26.08
C LEU A 238 7.46 -8.19 25.68
N ARG A 239 7.60 -6.90 25.95
CA ARG A 239 6.61 -5.91 25.58
C ARG A 239 6.87 -5.42 24.17
N VAL A 240 5.92 -5.72 23.27
CA VAL A 240 6.03 -5.39 21.86
C VAL A 240 4.97 -4.38 21.51
N GLY A 241 5.39 -3.32 20.82
CA GLY A 241 4.51 -2.23 20.48
C GLY A 241 4.37 -2.12 18.97
N TYR A 242 3.15 -2.31 18.47
CA TYR A 242 2.83 -2.18 17.05
C TYR A 242 2.29 -0.78 16.80
N VAL A 243 2.99 0.00 15.99
CA VAL A 243 2.58 1.37 15.69
C VAL A 243 2.08 1.50 14.26
N SER A 244 0.85 1.96 14.09
CA SER A 244 0.25 2.01 12.76
C SER A 244 -0.86 3.01 12.64
N SER A 245 -0.92 3.67 11.49
CA SER A 245 -2.06 4.51 11.16
C SER A 245 -3.17 3.71 10.49
N ASP A 246 -2.98 2.39 10.36
CA ASP A 246 -3.84 1.53 9.52
C ASP A 246 -4.59 0.40 10.28
N PHE A 247 -4.87 0.62 11.56
CA PHE A 247 -5.78 -0.23 12.36
C PHE A 247 -7.19 0.27 12.05
N GLY A 248 -7.75 -0.32 11.02
CA GLY A 248 -9.01 0.09 10.40
C GLY A 248 -9.12 -0.58 9.05
N ASN A 249 -10.03 -0.08 8.23
CA ASN A 249 -10.21 -0.61 6.92
C ASN A 249 -9.05 -0.16 6.04
N HIS A 250 -8.00 -0.97 6.04
CA HIS A 250 -6.79 -0.70 5.25
C HIS A 250 -6.09 -2.04 4.98
N PRO A 251 -5.40 -2.19 3.85
CA PRO A 251 -4.64 -3.45 3.60
C PRO A 251 -3.88 -4.01 4.81
N THR A 252 -3.19 -3.17 5.55
CA THR A 252 -2.44 -3.60 6.72
C THR A 252 -3.28 -4.47 7.65
N SER A 253 -4.44 -3.95 8.03
CA SER A 253 -5.33 -4.72 8.90
C SER A 253 -5.83 -5.97 8.19
N HIS A 254 -6.11 -5.89 6.88
CA HIS A 254 -6.49 -7.08 6.13
C HIS A 254 -5.42 -8.15 6.12
N LEU A 255 -4.16 -7.75 6.34
CA LEU A 255 -3.05 -8.70 6.43
C LEU A 255 -2.81 -9.25 7.82
N MET A 256 -2.80 -8.37 8.84
CA MET A 256 -2.29 -8.75 10.16
C MET A 256 -3.27 -8.60 11.32
N GLN A 257 -4.56 -8.37 11.07
CA GLN A 257 -5.48 -8.17 12.20
C GLN A 257 -5.55 -9.30 13.20
N SER A 258 -5.23 -10.53 12.80
CA SER A 258 -5.27 -11.63 13.74
C SER A 258 -4.00 -11.73 14.63
N ILE A 259 -2.91 -11.07 14.22
CA ILE A 259 -1.62 -11.30 14.86
C ILE A 259 -1.62 -10.89 16.34
N PRO A 260 -2.02 -9.65 16.68
CA PRO A 260 -1.99 -9.29 18.08
C PRO A 260 -2.61 -10.29 19.04
N GLY A 261 -3.80 -10.79 18.73
CA GLY A 261 -4.51 -11.75 19.58
C GLY A 261 -3.98 -13.18 19.58
N MET A 262 -3.13 -13.52 18.61
CA MET A 262 -2.47 -14.82 18.63
C MET A 262 -1.15 -14.85 19.42
N HIS A 263 -0.67 -13.68 19.84
CA HIS A 263 0.56 -13.63 20.64
C HIS A 263 0.40 -14.39 21.96
N ASN A 264 1.45 -15.10 22.34
CA ASN A 264 1.42 -15.89 23.57
C ASN A 264 1.52 -14.98 24.78
N PRO A 265 0.44 -14.85 25.55
CA PRO A 265 0.54 -13.90 26.64
C PRO A 265 1.49 -14.32 27.80
N ASP A 266 1.89 -15.59 27.88
CA ASP A 266 2.89 -16.04 28.87
C ASP A 266 4.25 -15.40 28.61
N LYS A 267 4.56 -15.06 27.36
CA LYS A 267 5.87 -14.50 27.01
C LYS A 267 5.83 -13.12 26.36
N PHE A 268 4.66 -12.65 25.95
CA PHE A 268 4.58 -11.38 25.28
C PHE A 268 3.46 -10.57 25.81
N GLU A 269 3.64 -9.26 25.74
CA GLU A 269 2.63 -8.31 26.13
C GLU A 269 2.57 -7.34 24.99
N VAL A 270 1.38 -7.25 24.39
CA VAL A 270 1.19 -6.54 23.15
C VAL A 270 0.45 -5.24 23.36
N PHE A 271 1.02 -4.18 22.80
CA PHE A 271 0.48 -2.85 22.84
C PHE A 271 0.31 -2.40 21.40
N CYS A 272 -0.87 -1.96 21.01
CA CYS A 272 -1.05 -1.41 19.68
C CYS A 272 -1.22 0.08 19.85
N TYR A 273 -0.37 0.83 19.17
CA TYR A 273 -0.46 2.29 19.15
C TYR A 273 -1.03 2.70 17.83
N ALA A 274 -2.25 3.19 17.85
CA ALA A 274 -2.88 3.65 16.63
C ALA A 274 -2.58 5.12 16.39
N LEU A 275 -2.28 5.47 15.15
CA LEU A 275 -2.08 6.85 14.79
C LEU A 275 -3.29 7.40 14.09
N SER A 276 -4.33 6.60 13.96
CA SER A 276 -5.55 7.04 13.30
C SER A 276 -6.67 6.98 14.31
N PRO A 277 -7.67 7.87 14.16
CA PRO A 277 -8.88 7.67 14.94
C PRO A 277 -9.69 6.44 14.46
N ASP A 278 -10.52 5.92 15.37
CA ASP A 278 -11.43 4.79 15.15
C ASP A 278 -12.34 5.05 13.96
N ASP A 279 -12.27 4.21 12.91
CA ASP A 279 -13.12 4.45 11.74
C ASP A 279 -14.47 3.73 11.84
N GLY A 280 -14.71 3.06 12.95
CA GLY A 280 -15.98 2.39 13.16
C GLY A 280 -16.02 1.00 12.54
N THR A 281 -14.92 0.51 11.95
CA THR A 281 -14.97 -0.80 11.25
C THR A 281 -14.63 -1.96 12.17
N ASN A 282 -15.07 -3.16 11.82
CA ASN A 282 -14.69 -4.36 12.57
C ASN A 282 -13.16 -4.60 12.68
N PHE A 283 -12.39 -4.16 11.69
CA PHE A 283 -10.92 -4.28 11.78
C PHE A 283 -10.38 -3.59 13.02
N ARG A 284 -10.78 -2.33 13.20
CA ARG A 284 -10.39 -1.59 14.39
C ARG A 284 -10.92 -2.27 15.66
N VAL A 285 -12.18 -2.72 15.63
CA VAL A 285 -12.78 -3.36 16.80
C VAL A 285 -11.98 -4.58 17.25
N LYS A 286 -11.53 -5.38 16.28
CA LYS A 286 -10.83 -6.61 16.57
C LYS A 286 -9.48 -6.39 17.20
N VAL A 287 -8.69 -5.47 16.66
CA VAL A 287 -7.35 -5.21 17.23
C VAL A 287 -7.51 -4.56 18.61
N MET A 288 -8.48 -3.68 18.75
CA MET A 288 -8.75 -3.10 20.07
C MET A 288 -9.12 -4.17 21.06
N ALA A 289 -9.91 -5.15 20.63
CA ALA A 289 -10.36 -6.19 21.54
C ALA A 289 -9.29 -7.17 21.89
N GLU A 290 -8.41 -7.49 20.95
CA GLU A 290 -7.54 -8.62 21.14
C GLU A 290 -6.12 -8.26 21.59
N ALA A 291 -5.67 -7.05 21.31
CA ALA A 291 -4.35 -6.61 21.81
C ALA A 291 -4.41 -6.54 23.35
N ASN A 292 -3.32 -6.83 24.05
CA ASN A 292 -3.37 -6.70 25.51
C ASN A 292 -3.64 -5.27 25.91
N HIS A 293 -3.16 -4.32 25.11
CA HIS A 293 -3.36 -2.89 25.37
C HIS A 293 -3.49 -2.16 24.04
N PHE A 294 -4.42 -1.23 23.96
CA PHE A 294 -4.62 -0.46 22.76
C PHE A 294 -4.61 1.02 23.13
N ILE A 295 -3.73 1.79 22.50
CA ILE A 295 -3.58 3.22 22.79
C ILE A 295 -3.74 4.05 21.54
N ASP A 296 -4.67 5.00 21.59
CA ASP A 296 -4.98 5.85 20.46
C ASP A 296 -4.13 7.10 20.50
N LEU A 297 -2.99 7.06 19.82
CA LEU A 297 -2.10 8.20 19.78
C LEU A 297 -2.59 9.31 18.88
N SER A 298 -3.67 9.08 18.14
CA SER A 298 -4.22 10.15 17.31
C SER A 298 -4.76 11.25 18.21
N GLN A 299 -4.98 10.92 19.49
CA GLN A 299 -5.43 11.85 20.54
C GLN A 299 -4.30 12.65 21.19
N ILE A 300 -3.06 12.29 20.88
CA ILE A 300 -1.86 12.86 21.49
C ILE A 300 -0.95 13.29 20.36
N PRO A 301 -1.35 14.34 19.62
CA PRO A 301 -0.59 14.77 18.44
C PRO A 301 0.82 15.29 18.73
N CYS A 302 1.10 15.78 19.93
CA CYS A 302 2.48 16.15 20.24
C CYS A 302 3.30 14.90 20.35
N ASN A 303 4.32 14.81 19.49
CA ASN A 303 5.17 13.63 19.41
C ASN A 303 6.06 13.45 20.63
N GLY A 304 6.23 14.53 21.40
CA GLY A 304 6.95 14.45 22.66
C GLY A 304 6.20 13.64 23.68
N LYS A 305 4.93 14.02 23.90
CA LYS A 305 4.07 13.37 24.89
C LYS A 305 3.72 11.94 24.48
N ALA A 306 3.44 11.74 23.17
CA ALA A 306 3.20 10.40 22.64
C ALA A 306 4.40 9.47 22.81
N ALA A 307 5.61 9.98 22.59
CA ALA A 307 6.80 9.15 22.78
C ALA A 307 7.04 8.79 24.24
N ASP A 308 6.62 9.67 25.14
CA ASP A 308 6.78 9.42 26.58
C ASP A 308 5.93 8.24 26.97
N ARG A 309 4.67 8.28 26.55
CA ARG A 309 3.76 7.19 26.76
C ARG A 309 4.36 5.84 26.34
N ILE A 310 4.92 5.78 25.15
CA ILE A 310 5.51 4.54 24.70
C ILE A 310 6.57 4.10 25.69
N HIS A 311 7.38 5.07 26.16
CA HIS A 311 8.51 4.76 27.03
C HIS A 311 8.08 4.24 28.41
N GLN A 312 7.08 4.87 29.00
CA GLN A 312 6.58 4.40 30.28
C GLN A 312 5.92 3.01 30.17
N ASP A 313 5.21 2.76 29.06
CA ASP A 313 4.60 1.45 28.81
C ASP A 313 5.65 0.36 28.88
N GLY A 314 6.90 0.73 28.62
CA GLY A 314 8.02 -0.16 28.85
C GLY A 314 8.39 -0.99 27.66
N ILE A 315 8.05 -0.50 26.46
CA ILE A 315 8.24 -1.29 25.25
C ILE A 315 9.70 -1.70 25.04
N HIS A 316 9.93 -2.96 24.72
CA HIS A 316 11.25 -3.43 24.33
C HIS A 316 11.44 -3.33 22.81
N ILE A 317 10.45 -3.81 22.05
CA ILE A 317 10.48 -3.77 20.59
C ILE A 317 9.34 -2.91 20.06
N LEU A 318 9.69 -1.80 19.42
CA LEU A 318 8.68 -0.95 18.82
C LEU A 318 8.67 -1.26 17.32
N VAL A 319 7.48 -1.48 16.77
CA VAL A 319 7.37 -1.95 15.40
C VAL A 319 6.72 -0.89 14.53
N ASN A 320 7.47 -0.46 13.52
CA ASN A 320 7.07 0.58 12.59
C ASN A 320 6.36 -0.03 11.40
N MET A 321 5.06 0.18 11.33
CA MET A 321 4.23 -0.44 10.29
C MET A 321 3.88 0.53 9.20
N ASN A 322 4.36 1.76 9.28
CA ASN A 322 4.06 2.74 8.26
C ASN A 322 5.19 2.99 7.27
N GLY A 323 6.40 3.10 7.78
CA GLY A 323 7.51 3.61 6.97
C GLY A 323 7.10 4.97 6.44
N TYR A 324 7.40 5.23 5.17
CA TYR A 324 7.03 6.51 4.55
C TYR A 324 5.69 6.39 3.82
N THR A 325 4.65 6.04 4.56
CA THR A 325 3.29 6.03 4.02
C THR A 325 2.44 7.05 4.72
N LYS A 326 1.32 7.36 4.09
CA LYS A 326 0.35 8.26 4.64
C LYS A 326 0.02 7.88 6.07
N GLY A 327 -0.01 8.89 6.93
CA GLY A 327 -0.36 8.73 8.33
C GLY A 327 0.80 8.45 9.26
N ALA A 328 2.01 8.28 8.71
CA ALA A 328 3.18 7.97 9.55
C ALA A 328 3.47 9.06 10.58
N ARG A 329 4.08 8.67 11.68
CA ARG A 329 4.60 9.63 12.65
C ARG A 329 5.92 9.05 13.09
N ASN A 330 6.87 9.07 12.16
CA ASN A 330 8.19 8.50 12.43
C ASN A 330 9.02 9.34 13.40
N GLU A 331 8.55 10.56 13.69
CA GLU A 331 9.08 11.36 14.78
C GLU A 331 9.12 10.51 16.05
N LEU A 332 8.07 9.70 16.24
CA LEU A 332 7.97 8.80 17.39
C LEU A 332 9.16 7.87 17.43
N PHE A 333 9.60 7.36 16.29
CA PHE A 333 10.73 6.43 16.28
C PHE A 333 12.07 7.19 16.36
N ALA A 334 12.09 8.43 15.85
CA ALA A 334 13.30 9.26 15.90
C ALA A 334 13.70 9.49 17.35
N LEU A 335 12.70 9.68 18.21
CA LEU A 335 12.92 9.81 19.65
C LEU A 335 13.40 8.54 20.37
N ARG A 336 13.60 7.45 19.64
CA ARG A 336 13.98 6.14 20.22
C ARG A 336 13.43 5.81 21.62
N PRO A 337 12.09 5.74 21.77
CA PRO A 337 11.53 5.42 23.10
C PRO A 337 11.65 3.96 23.51
N ALA A 338 12.25 3.12 22.66
CA ALA A 338 12.43 1.71 22.96
C ALA A 338 13.78 1.28 22.45
N PRO A 339 14.36 0.23 23.05
CA PRO A 339 15.69 -0.22 22.70
C PRO A 339 15.83 -0.97 21.40
N ILE A 340 14.73 -1.49 20.86
CA ILE A 340 14.80 -2.16 19.59
C ILE A 340 13.64 -1.67 18.76
N GLN A 341 13.95 -1.19 17.56
CA GLN A 341 12.96 -0.57 16.69
C GLN A 341 13.04 -1.24 15.33
N ALA A 342 11.89 -1.75 14.86
CA ALA A 342 11.88 -2.57 13.65
C ALA A 342 10.78 -2.19 12.68
N MET A 343 11.12 -2.30 11.40
CA MET A 343 10.23 -2.10 10.29
C MET A 343 9.53 -3.41 10.03
N TRP A 344 8.21 -3.37 9.86
CA TRP A 344 7.44 -4.59 9.59
C TRP A 344 6.21 -4.33 8.73
N LEU A 345 6.20 -4.95 7.56
CA LEU A 345 5.01 -5.27 6.78
C LEU A 345 4.43 -4.15 5.96
N GLY A 346 4.27 -2.98 6.55
CA GLY A 346 3.56 -1.89 5.89
C GLY A 346 4.33 -1.16 4.83
N TYR A 347 5.66 -1.13 4.94
CA TYR A 347 6.46 -0.36 4.01
C TYR A 347 7.42 -1.28 3.25
N PRO A 348 7.21 -1.42 1.94
CA PRO A 348 8.05 -2.32 1.17
C PRO A 348 9.33 -1.61 0.68
N GLY A 349 10.18 -1.23 1.63
CA GLY A 349 11.47 -0.58 1.33
C GLY A 349 12.26 -0.26 2.61
N THR A 350 13.41 0.38 2.47
CA THR A 350 14.23 0.77 3.63
C THR A 350 13.84 2.14 4.13
N SER A 351 13.96 2.35 5.44
CA SER A 351 13.75 3.66 6.03
C SER A 351 14.93 4.58 5.76
N GLY A 352 16.10 3.99 5.49
CA GLY A 352 17.34 4.75 5.34
C GLY A 352 17.74 5.50 6.59
N ALA A 353 17.10 5.20 7.72
CA ALA A 353 17.26 6.01 8.93
C ALA A 353 18.02 5.24 9.99
N LEU A 354 18.79 5.99 10.78
CA LEU A 354 19.58 5.44 11.88
C LEU A 354 18.69 4.92 13.01
N PHE A 355 17.55 5.58 13.22
CA PHE A 355 16.69 5.26 14.35
C PHE A 355 15.90 3.95 14.19
N MET A 356 15.98 3.30 13.03
CA MET A 356 15.43 1.95 12.86
C MET A 356 16.56 0.93 12.85
N ASP A 357 16.42 -0.11 13.67
CA ASP A 357 17.47 -1.14 13.82
C ASP A 357 17.38 -2.30 12.84
N TYR A 358 16.17 -2.82 12.65
CA TYR A 358 15.98 -3.98 11.77
C TYR A 358 14.89 -3.75 10.76
N ILE A 359 14.92 -4.55 9.71
CA ILE A 359 13.78 -4.69 8.84
C ILE A 359 13.41 -6.17 8.83
N ILE A 360 12.13 -6.46 9.12
CA ILE A 360 11.65 -7.84 9.11
C ILE A 360 11.30 -8.23 7.69
N THR A 361 11.91 -9.31 7.23
CA THR A 361 11.89 -9.66 5.84
C THR A 361 12.26 -11.11 5.77
N ASP A 362 12.78 -11.51 4.62
CA ASP A 362 13.14 -12.91 4.43
C ASP A 362 14.19 -13.06 3.33
N GLN A 363 14.70 -14.28 3.24
CA GLN A 363 15.81 -14.65 2.40
C GLN A 363 15.53 -14.41 0.94
N GLU A 364 14.34 -14.78 0.52
CA GLU A 364 13.89 -14.59 -0.85
C GLU A 364 13.60 -13.11 -1.17
N THR A 365 13.02 -12.37 -0.23
CA THR A 365 12.65 -10.98 -0.44
C THR A 365 13.88 -10.08 -0.40
N SER A 366 14.74 -10.30 0.59
CA SER A 366 15.93 -9.51 0.81
C SER A 366 17.15 -10.43 0.94
N PRO A 367 17.66 -10.97 -0.18
CA PRO A 367 18.84 -11.85 -0.14
C PRO A 367 20.02 -11.19 0.57
N ALA A 368 20.84 -11.98 1.26
CA ALA A 368 21.86 -11.42 2.18
C ALA A 368 22.84 -10.52 1.43
N GLU A 369 23.16 -10.97 0.22
CA GLU A 369 23.91 -10.20 -0.76
C GLU A 369 23.49 -8.72 -0.88
N VAL A 370 22.20 -8.42 -0.80
CA VAL A 370 21.73 -7.04 -0.99
C VAL A 370 21.59 -6.22 0.30
N ALA A 371 22.15 -6.70 1.41
CA ALA A 371 22.15 -5.93 2.66
C ALA A 371 22.62 -4.47 2.50
N GLU A 372 23.44 -4.23 1.49
CA GLU A 372 23.84 -2.89 1.06
C GLU A 372 22.69 -1.93 0.86
N GLN A 373 21.62 -2.42 0.26
CA GLN A 373 20.47 -1.62 -0.12
C GLN A 373 19.66 -1.07 1.07
N TYR A 374 19.84 -1.62 2.26
CA TYR A 374 19.07 -1.22 3.45
C TYR A 374 19.95 -0.57 4.50
N SER A 375 19.42 0.47 5.15
CA SER A 375 20.08 1.02 6.33
C SER A 375 19.94 0.08 7.51
N GLU A 376 18.84 -0.65 7.58
CA GLU A 376 18.57 -1.57 8.69
C GLU A 376 19.31 -2.89 8.50
N LYS A 377 19.55 -3.60 9.61
CA LYS A 377 19.94 -5.02 9.56
C LYS A 377 18.77 -5.88 9.12
N LEU A 378 19.07 -6.93 8.37
CA LEU A 378 18.12 -7.92 7.95
C LEU A 378 17.75 -8.83 9.11
N ALA A 379 16.44 -9.00 9.32
CA ALA A 379 15.88 -9.93 10.31
C ALA A 379 14.93 -10.86 9.57
N TYR A 380 15.37 -12.10 9.41
CA TYR A 380 14.73 -13.05 8.55
C TYR A 380 13.66 -13.82 9.30
N MET A 381 12.44 -13.77 8.77
CA MET A 381 11.43 -14.77 9.09
C MET A 381 11.82 -16.03 8.32
N PRO A 382 11.43 -17.21 8.80
CA PRO A 382 11.89 -18.42 8.12
C PRO A 382 11.22 -18.77 6.79
N HIS A 383 10.02 -18.25 6.53
CA HIS A 383 9.35 -18.56 5.27
C HIS A 383 9.19 -17.29 4.46
N THR A 384 8.07 -16.58 4.57
CA THR A 384 8.02 -15.22 4.01
C THR A 384 7.71 -14.30 5.16
N PHE A 385 8.10 -13.05 5.05
CA PHE A 385 7.68 -12.03 6.00
C PHE A 385 6.22 -11.61 5.75
N PHE A 386 5.70 -11.97 4.58
CA PHE A 386 4.34 -11.63 4.25
C PHE A 386 3.35 -12.54 4.96
N ILE A 387 2.19 -11.97 5.25
CA ILE A 387 1.11 -12.69 5.86
C ILE A 387 -0.21 -12.07 5.38
N GLY A 388 -1.30 -12.82 5.50
CA GLY A 388 -2.64 -12.35 5.07
C GLY A 388 -3.67 -12.93 6.00
N ASP A 389 -4.75 -12.22 6.24
CA ASP A 389 -5.77 -12.71 7.15
C ASP A 389 -6.88 -13.46 6.42
N HIS A 390 -6.59 -13.95 5.22
CA HIS A 390 -7.61 -14.49 4.34
C HIS A 390 -8.33 -15.69 4.92
N ALA A 391 -7.64 -16.49 5.72
CA ALA A 391 -8.30 -17.68 6.24
C ALA A 391 -9.43 -17.30 7.20
N ASN A 392 -9.27 -16.19 7.89
CA ASN A 392 -10.26 -15.68 8.82
C ASN A 392 -11.28 -14.81 8.10
N MET A 393 -10.83 -14.00 7.15
CA MET A 393 -11.73 -13.08 6.48
C MET A 393 -12.63 -13.72 5.45
N PHE A 394 -12.08 -14.68 4.70
CA PHE A 394 -12.78 -15.30 3.58
C PHE A 394 -12.77 -16.83 3.63
N PRO A 395 -13.30 -17.43 4.71
CA PRO A 395 -13.31 -18.87 4.86
C PRO A 395 -14.32 -19.53 3.94
N HIS A 396 -15.27 -18.75 3.45
CA HIS A 396 -16.19 -19.24 2.46
C HIS A 396 -15.55 -19.54 1.12
N LEU A 397 -14.27 -19.14 0.93
CA LEU A 397 -13.56 -19.46 -0.31
C LEU A 397 -12.65 -20.65 -0.15
N LYS A 398 -12.69 -21.32 0.99
CA LYS A 398 -11.83 -22.48 1.20
C LYS A 398 -12.21 -23.60 0.29
N LYS A 399 -13.51 -23.70 -0.01
CA LYS A 399 -14.05 -24.69 -0.89
C LYS A 399 -14.94 -24.02 -1.92
N LYS A 400 -15.13 -24.72 -3.03
CA LYS A 400 -15.99 -24.23 -4.08
C LYS A 400 -16.68 -25.39 -4.75
N ALA A 401 -17.77 -25.07 -5.44
CA ALA A 401 -18.42 -25.97 -6.37
C ALA A 401 -18.59 -25.23 -7.72
N VAL A 402 -18.90 -26.00 -8.77
CA VAL A 402 -19.19 -25.40 -10.07
C VAL A 402 -20.49 -25.90 -10.67
N ILE A 403 -20.95 -25.19 -11.70
CA ILE A 403 -22.07 -25.64 -12.50
C ILE A 403 -21.54 -26.02 -13.88
N ASP A 404 -21.76 -27.29 -14.26
CA ASP A 404 -21.37 -27.81 -15.57
C ASP A 404 -22.37 -27.37 -16.64
N PHE A 405 -22.10 -26.22 -17.23
CA PHE A 405 -22.95 -25.58 -18.24
C PHE A 405 -23.07 -26.35 -19.57
N LYS A 406 -22.09 -27.18 -19.91
CA LYS A 406 -22.08 -27.94 -21.18
C LYS A 406 -22.01 -29.46 -20.97
N SER A 407 -20.88 -30.08 -21.34
CA SER A 407 -20.57 -31.50 -21.04
C SER A 407 -19.62 -31.60 -19.83
N ILE A 411 -15.53 -30.15 -18.34
CA ILE A 411 -15.72 -29.60 -16.99
C ILE A 411 -14.64 -28.56 -16.55
N TYR A 412 -15.10 -27.34 -16.28
CA TYR A 412 -14.23 -26.24 -15.91
C TYR A 412 -14.33 -25.90 -14.41
N ASP A 413 -13.21 -25.49 -13.83
CA ASP A 413 -13.17 -25.10 -12.41
C ASP A 413 -13.42 -23.58 -12.15
N ASN A 414 -13.70 -22.80 -13.20
CA ASN A 414 -13.62 -21.35 -13.11
C ASN A 414 -14.50 -20.58 -14.06
N ARG A 415 -15.64 -21.15 -14.40
CA ARG A 415 -16.60 -20.48 -15.28
C ARG A 415 -17.83 -20.02 -14.53
N ILE A 416 -18.37 -20.92 -13.75
CA ILE A 416 -19.50 -20.65 -12.88
C ILE A 416 -19.16 -21.28 -11.55
N VAL A 417 -19.02 -20.44 -10.54
CA VAL A 417 -18.51 -20.87 -9.26
C VAL A 417 -19.47 -20.52 -8.16
N LEU A 418 -19.58 -21.42 -7.19
CA LEU A 418 -20.34 -21.16 -5.98
C LEU A 418 -19.43 -21.37 -4.79
N ASN A 419 -19.62 -20.50 -3.77
CA ASN A 419 -18.92 -20.56 -2.49
C ASN A 419 -19.89 -20.27 -1.38
N GLY A 420 -19.70 -20.90 -0.23
CA GLY A 420 -20.50 -20.57 0.94
C GLY A 420 -20.27 -21.47 2.14
N ILE A 421 -20.39 -20.88 3.32
CA ILE A 421 -20.24 -21.63 4.56
C ILE A 421 -21.21 -22.80 4.57
N ASP A 422 -22.41 -22.62 4.02
CA ASP A 422 -23.42 -23.70 3.98
C ASP A 422 -23.52 -24.41 2.62
N LEU A 423 -22.44 -24.38 1.84
CA LEU A 423 -22.46 -24.95 0.50
C LEU A 423 -22.67 -26.46 0.55
N LYS A 424 -22.01 -27.13 1.48
CA LYS A 424 -22.15 -28.57 1.62
C LYS A 424 -23.61 -28.99 1.82
N ALA A 425 -24.35 -28.26 2.66
CA ALA A 425 -25.73 -28.61 2.95
C ALA A 425 -26.60 -28.36 1.73
N PHE A 426 -26.38 -27.25 1.04
CA PHE A 426 -27.06 -27.00 -0.20
C PHE A 426 -26.84 -28.11 -1.24
N LEU A 427 -25.59 -28.48 -1.47
CA LEU A 427 -25.28 -29.53 -2.42
C LEU A 427 -25.93 -30.85 -2.03
N ASP A 428 -25.94 -31.17 -0.73
CA ASP A 428 -26.56 -32.39 -0.24
C ASP A 428 -28.07 -32.37 -0.48
N SER A 429 -28.68 -31.20 -0.66
CA SER A 429 -30.10 -31.14 -0.95
C SER A 429 -30.40 -31.44 -2.41
N LEU A 430 -29.38 -31.57 -3.24
CA LEU A 430 -29.56 -31.68 -4.68
C LEU A 430 -29.42 -33.12 -5.19
N PRO A 431 -30.29 -33.49 -6.16
CA PRO A 431 -30.35 -34.86 -6.67
C PRO A 431 -29.04 -35.40 -7.28
N ASP A 432 -28.45 -34.73 -8.27
CA ASP A 432 -27.42 -35.37 -9.10
C ASP A 432 -26.05 -34.70 -9.05
N VAL A 433 -25.47 -34.54 -7.88
CA VAL A 433 -24.18 -33.86 -7.81
C VAL A 433 -23.04 -34.83 -8.02
N LYS A 434 -22.13 -34.53 -8.94
CA LYS A 434 -20.93 -35.37 -9.09
C LYS A 434 -19.70 -34.73 -8.47
N ILE A 435 -18.78 -35.56 -8.02
CA ILE A 435 -17.63 -35.12 -7.27
C ILE A 435 -16.38 -35.41 -8.06
N VAL A 436 -15.67 -34.37 -8.47
CA VAL A 436 -14.43 -34.52 -9.22
C VAL A 436 -13.24 -34.42 -8.27
N LYS A 437 -12.38 -35.43 -8.30
CA LYS A 437 -11.24 -35.46 -7.41
C LYS A 437 -10.14 -34.65 -8.06
N MET A 438 -9.42 -33.89 -7.25
CA MET A 438 -8.51 -32.86 -7.76
C MET A 438 -7.10 -33.40 -7.97
N LEU A 454 -9.06 -31.39 -1.84
CA LEU A 454 -9.44 -32.77 -2.12
C LEU A 454 -10.47 -32.88 -3.28
N ASN A 455 -11.61 -32.21 -3.21
CA ASN A 455 -12.59 -32.36 -4.31
C ASN A 455 -13.48 -31.18 -4.69
N MET A 456 -14.02 -31.29 -5.91
CA MET A 456 -14.82 -30.23 -6.47
C MET A 456 -16.15 -30.78 -6.91
N PRO A 457 -17.20 -30.45 -6.16
CA PRO A 457 -18.55 -30.81 -6.55
C PRO A 457 -19.00 -30.13 -7.84
N VAL A 458 -19.74 -30.87 -8.66
CA VAL A 458 -20.25 -30.35 -9.92
C VAL A 458 -21.76 -30.50 -10.02
N ILE A 459 -22.42 -29.36 -10.14
CA ILE A 459 -23.84 -29.35 -10.34
C ILE A 459 -24.11 -29.48 -11.85
N PRO A 460 -24.86 -30.51 -12.24
CA PRO A 460 -25.18 -30.67 -13.65
C PRO A 460 -26.25 -29.69 -14.10
N MET A 461 -26.35 -29.54 -15.41
CA MET A 461 -27.27 -28.61 -16.02
C MET A 461 -28.74 -29.02 -15.94
N ASN A 462 -29.34 -28.88 -14.77
CA ASN A 462 -30.76 -29.22 -14.55
C ASN A 462 -31.57 -27.95 -14.33
N THR A 463 -32.79 -28.08 -13.80
CA THR A 463 -33.65 -26.92 -13.55
C THR A 463 -33.02 -26.01 -12.51
N ILE A 464 -32.45 -26.61 -11.48
CA ILE A 464 -31.71 -25.86 -10.46
C ILE A 464 -30.60 -25.01 -11.10
N ALA A 465 -29.70 -25.67 -11.82
CA ALA A 465 -28.62 -24.99 -12.51
C ALA A 465 -29.13 -23.85 -13.40
N GLU A 466 -30.30 -24.04 -14.01
CA GLU A 466 -30.92 -23.04 -14.90
C GLU A 466 -31.44 -21.83 -14.15
N ALA A 467 -32.09 -22.08 -13.02
CA ALA A 467 -32.55 -20.97 -12.19
C ALA A 467 -31.38 -20.07 -11.75
N VAL A 468 -30.24 -20.67 -11.42
CA VAL A 468 -29.07 -19.91 -11.00
C VAL A 468 -28.55 -19.04 -12.14
N ILE A 469 -28.41 -19.64 -13.32
CA ILE A 469 -27.84 -18.95 -14.46
C ILE A 469 -28.80 -17.86 -14.89
N GLU A 470 -30.09 -18.09 -14.67
CA GLU A 470 -31.06 -17.08 -14.99
C GLU A 470 -31.03 -15.91 -14.03
N MET A 471 -30.78 -16.14 -12.74
CA MET A 471 -30.58 -15.00 -11.82
C MET A 471 -29.42 -14.12 -12.31
N ILE A 472 -28.35 -14.78 -12.73
CA ILE A 472 -27.16 -14.06 -13.16
C ILE A 472 -27.46 -13.30 -14.45
N ASN A 473 -28.00 -14.01 -15.46
CA ASN A 473 -28.32 -13.38 -16.77
C ASN A 473 -29.22 -12.19 -16.62
N ARG A 474 -30.09 -12.24 -15.64
CA ARG A 474 -31.07 -11.18 -15.47
C ARG A 474 -30.59 -10.13 -14.49
N GLY A 475 -29.37 -10.27 -13.96
CA GLY A 475 -28.84 -9.34 -12.97
C GLY A 475 -29.73 -9.19 -11.75
N GLN A 476 -30.37 -10.28 -11.33
CA GLN A 476 -31.18 -10.29 -10.11
C GLN A 476 -30.24 -10.46 -8.88
N ILE A 477 -30.71 -9.99 -7.74
CA ILE A 477 -29.88 -9.89 -6.55
C ILE A 477 -29.68 -11.23 -5.87
N GLN A 478 -30.73 -12.04 -5.83
CA GLN A 478 -30.70 -13.31 -5.10
C GLN A 478 -31.92 -14.16 -5.42
N ILE A 479 -31.84 -15.46 -5.16
CA ILE A 479 -33.00 -16.31 -5.20
C ILE A 479 -32.88 -17.31 -4.07
N THR A 480 -33.92 -18.13 -3.95
CA THR A 480 -33.98 -19.16 -2.95
C THR A 480 -34.08 -20.51 -3.63
N ILE A 481 -33.26 -21.46 -3.25
CA ILE A 481 -33.42 -22.83 -3.72
C ILE A 481 -33.35 -23.82 -2.57
N ASN A 482 -34.38 -24.67 -2.45
CA ASN A 482 -34.53 -25.62 -1.34
C ASN A 482 -34.37 -24.96 0.04
N GLY A 483 -34.78 -23.70 0.15
CA GLY A 483 -34.65 -22.95 1.39
C GLY A 483 -33.26 -22.29 1.58
N PHE A 484 -32.32 -22.55 0.69
CA PHE A 484 -31.01 -21.88 0.76
C PHE A 484 -30.99 -20.54 0.06
N SER A 485 -30.34 -19.56 0.68
CA SER A 485 -30.15 -18.24 0.10
C SER A 485 -29.02 -18.32 -0.91
N ILE A 486 -29.33 -17.95 -2.16
CA ILE A 486 -28.36 -17.97 -3.24
C ILE A 486 -28.23 -16.56 -3.77
N SER A 487 -27.02 -15.98 -3.62
CA SER A 487 -26.78 -14.56 -3.89
C SER A 487 -25.97 -14.36 -5.17
N ASN A 488 -26.29 -13.29 -5.89
CA ASN A 488 -25.52 -12.81 -7.00
C ASN A 488 -24.27 -12.10 -6.46
N GLY A 489 -23.11 -12.62 -6.83
CA GLY A 489 -21.83 -12.03 -6.41
C GLY A 489 -21.61 -10.58 -6.73
N LEU A 490 -22.37 -10.02 -7.70
CA LEU A 490 -22.30 -8.60 -8.03
C LEU A 490 -23.10 -7.71 -7.11
N ALA A 491 -23.91 -8.31 -6.25
CA ALA A 491 -24.83 -7.57 -5.42
C ALA A 491 -24.54 -7.63 -3.94
N THR A 492 -23.31 -7.96 -3.53
CA THR A 492 -23.03 -8.17 -2.11
C THR A 492 -23.28 -6.92 -1.24
N THR A 493 -22.98 -5.72 -1.75
CA THR A 493 -23.22 -4.53 -0.93
C THR A 493 -24.69 -4.32 -0.61
N GLN A 494 -25.58 -4.75 -1.51
CA GLN A 494 -27.04 -4.65 -1.28
C GLN A 494 -27.53 -5.70 -0.27
N ILE A 495 -26.86 -6.83 -0.20
CA ILE A 495 -27.26 -7.92 0.69
C ILE A 495 -26.67 -7.77 2.10
N ASN A 496 -25.38 -7.46 2.19
CA ASN A 496 -24.71 -7.30 3.49
C ASN A 496 -23.42 -6.56 3.22
N ASN A 497 -23.42 -5.25 3.47
CA ASN A 497 -22.28 -4.45 3.10
C ASN A 497 -21.06 -4.72 3.98
N LYS A 498 -21.23 -5.22 5.20
CA LYS A 498 -20.07 -5.68 5.99
C LYS A 498 -19.43 -6.96 5.44
N ALA A 499 -20.22 -7.77 4.75
CA ALA A 499 -19.63 -8.93 4.09
C ALA A 499 -18.90 -8.48 2.84
N ALA A 500 -19.34 -7.41 2.19
CA ALA A 500 -18.61 -6.91 1.01
C ALA A 500 -17.24 -6.37 1.36
N THR A 501 -17.11 -5.72 2.51
CA THR A 501 -15.84 -5.12 2.92
C THR A 501 -14.88 -6.08 3.56
N GLY A 502 -15.35 -7.29 3.82
CA GLY A 502 -14.56 -8.30 4.51
C GLY A 502 -14.66 -8.18 6.02
N GLU A 503 -15.49 -7.27 6.53
CA GLU A 503 -15.70 -7.15 7.98
C GLU A 503 -16.54 -8.27 8.58
N GLU A 504 -17.40 -8.88 7.79
CA GLU A 504 -18.18 -10.06 8.19
C GLU A 504 -18.00 -11.14 7.14
N VAL A 505 -18.11 -12.40 7.55
CA VAL A 505 -18.13 -13.53 6.62
C VAL A 505 -19.55 -13.62 6.04
N PRO A 506 -19.69 -13.73 4.71
CA PRO A 506 -21.03 -13.85 4.09
C PRO A 506 -21.81 -14.99 4.68
N ARG A 507 -23.10 -14.79 4.87
CA ARG A 507 -23.95 -15.83 5.45
C ARG A 507 -24.86 -16.47 4.41
N THR A 508 -24.69 -16.08 3.14
CA THR A 508 -25.37 -16.73 2.02
C THR A 508 -24.37 -17.44 1.13
N ILE A 509 -24.89 -18.23 0.20
CA ILE A 509 -24.09 -18.87 -0.83
C ILE A 509 -24.00 -17.89 -1.99
N ILE A 510 -22.80 -17.67 -2.52
CA ILE A 510 -22.59 -16.64 -3.54
C ILE A 510 -22.21 -17.29 -4.87
N VAL A 511 -22.72 -16.74 -5.95
CA VAL A 511 -22.45 -17.21 -7.30
C VAL A 511 -21.64 -16.19 -8.02
N THR A 512 -20.61 -16.67 -8.69
CA THR A 512 -19.62 -15.86 -9.35
C THR A 512 -19.44 -16.46 -10.76
N THR A 513 -19.49 -15.65 -11.82
CA THR A 513 -19.35 -16.18 -13.19
C THR A 513 -18.54 -15.29 -14.12
N ARG A 514 -17.87 -15.92 -15.06
CA ARG A 514 -17.21 -15.21 -16.15
C ARG A 514 -18.15 -14.29 -16.92
N SER A 515 -19.39 -14.72 -17.10
CA SER A 515 -20.33 -13.88 -17.83
C SER A 515 -20.59 -12.56 -17.10
N GLN A 516 -20.61 -12.56 -15.76
CA GLN A 516 -20.80 -11.33 -14.99
C GLN A 516 -19.80 -10.24 -15.35
N TYR A 517 -18.59 -10.62 -15.75
CA TYR A 517 -17.51 -9.68 -16.08
C TYR A 517 -17.19 -9.64 -17.57
N GLY A 518 -18.07 -10.17 -18.42
CA GLY A 518 -17.81 -10.24 -19.87
C GLY A 518 -16.54 -11.00 -20.22
N LEU A 519 -16.19 -12.00 -19.41
CA LEU A 519 -15.02 -12.82 -19.72
C LEU A 519 -15.45 -13.98 -20.62
N PRO A 520 -14.56 -14.45 -21.51
CA PRO A 520 -14.93 -15.54 -22.42
C PRO A 520 -15.02 -16.89 -21.72
N GLU A 521 -16.09 -17.62 -21.99
CA GLU A 521 -16.31 -18.97 -21.47
C GLU A 521 -15.29 -19.98 -21.97
N ASP A 522 -14.68 -19.70 -23.11
CA ASP A 522 -13.92 -20.71 -23.84
C ASP A 522 -12.48 -20.31 -24.10
N ALA A 523 -11.91 -19.45 -23.25
CA ALA A 523 -10.52 -19.09 -23.45
C ALA A 523 -9.83 -18.90 -22.12
N ILE A 524 -8.52 -18.84 -22.17
CA ILE A 524 -7.70 -18.57 -21.03
C ILE A 524 -7.88 -17.11 -20.57
N VAL A 525 -8.04 -16.94 -19.26
CA VAL A 525 -8.10 -15.59 -18.65
C VAL A 525 -6.83 -15.42 -17.82
N TYR A 526 -5.97 -14.51 -18.26
CA TYR A 526 -4.83 -14.06 -17.47
C TYR A 526 -5.32 -12.80 -16.76
N CYS A 527 -4.95 -12.61 -15.50
CA CYS A 527 -5.46 -11.43 -14.75
C CYS A 527 -4.36 -10.69 -14.11
N ASN A 528 -4.56 -9.39 -13.84
CA ASN A 528 -3.75 -8.69 -12.86
C ASN A 528 -4.57 -7.59 -12.23
N PHE A 529 -4.70 -7.63 -10.91
CA PHE A 529 -5.66 -6.77 -10.20
C PHE A 529 -5.02 -5.61 -9.41
N ASN A 530 -3.78 -5.27 -9.75
CA ASN A 530 -3.07 -4.20 -9.10
C ASN A 530 -3.49 -2.86 -9.64
N GLN A 531 -3.20 -1.83 -8.88
CA GLN A 531 -3.30 -0.48 -9.39
C GLN A 531 -2.42 -0.38 -10.62
N LEU A 532 -2.89 0.39 -11.62
CA LEU A 532 -2.26 0.44 -12.95
C LEU A 532 -0.86 1.01 -12.94
N TYR A 533 -0.49 1.72 -11.89
CA TYR A 533 0.82 2.39 -11.78
C TYR A 533 1.96 1.40 -11.76
N LYS A 534 1.67 0.15 -11.37
CA LYS A 534 2.72 -0.85 -11.25
C LYS A 534 3.17 -1.42 -12.60
N ILE A 535 2.37 -1.17 -13.63
CA ILE A 535 2.66 -1.51 -15.01
C ILE A 535 3.59 -0.47 -15.69
N ASP A 536 4.49 -0.97 -16.53
CA ASP A 536 5.43 -0.10 -17.29
C ASP A 536 5.51 -0.65 -18.72
N PRO A 537 6.21 0.06 -19.64
CA PRO A 537 6.24 -0.39 -21.04
C PRO A 537 6.76 -1.82 -21.24
N SER A 538 7.89 -2.16 -20.62
CA SER A 538 8.47 -3.51 -20.70
C SER A 538 7.47 -4.58 -20.28
N THR A 539 6.74 -4.28 -19.19
CA THR A 539 5.80 -5.21 -18.64
C THR A 539 4.66 -5.44 -19.60
N LEU A 540 4.10 -4.36 -20.16
CA LEU A 540 2.98 -4.56 -21.06
C LEU A 540 3.45 -5.29 -22.34
N GLN A 541 4.72 -5.10 -22.72
CA GLN A 541 5.28 -5.77 -23.91
C GLN A 541 5.32 -7.28 -23.64
N MET A 542 5.76 -7.67 -22.44
CA MET A 542 5.72 -9.10 -22.06
C MET A 542 4.30 -9.66 -22.18
N TRP A 543 3.35 -8.95 -21.61
CA TRP A 543 1.98 -9.43 -21.62
C TRP A 543 1.44 -9.60 -23.02
N ALA A 544 1.82 -8.68 -23.91
CA ALA A 544 1.32 -8.69 -25.27
C ALA A 544 1.92 -9.88 -26.03
N ASN A 545 3.20 -10.17 -25.77
CA ASN A 545 3.91 -11.33 -26.35
C ASN A 545 3.21 -12.62 -25.96
N ILE A 546 2.88 -12.70 -24.67
CA ILE A 546 2.22 -13.85 -24.09
C ILE A 546 0.88 -14.03 -24.76
N LEU A 547 0.12 -12.94 -24.90
CA LEU A 547 -1.22 -13.03 -25.50
C LEU A 547 -1.19 -13.37 -26.99
N LYS A 548 -0.15 -12.93 -27.70
CA LYS A 548 -0.02 -13.23 -29.12
C LYS A 548 0.24 -14.73 -29.29
N ARG A 549 1.14 -15.28 -28.46
CA ARG A 549 1.40 -16.73 -28.39
C ARG A 549 0.23 -17.64 -27.97
N VAL A 550 -0.81 -17.06 -27.35
CA VAL A 550 -1.98 -17.84 -26.90
C VAL A 550 -3.23 -17.21 -27.47
N PRO A 551 -3.52 -17.51 -28.74
CA PRO A 551 -4.67 -16.84 -29.31
C PRO A 551 -5.88 -17.22 -28.51
N ASN A 552 -6.97 -16.46 -28.57
CA ASN A 552 -8.14 -16.73 -27.72
C ASN A 552 -8.04 -15.94 -26.40
N SER A 553 -6.91 -16.10 -25.71
CA SER A 553 -6.80 -15.70 -24.34
C SER A 553 -7.03 -14.19 -24.20
N VAL A 554 -7.36 -13.76 -22.98
CA VAL A 554 -7.52 -12.32 -22.69
C VAL A 554 -6.74 -11.97 -21.43
N LEU A 555 -6.46 -10.67 -21.27
CA LEU A 555 -5.88 -10.14 -20.06
C LEU A 555 -6.95 -9.34 -19.35
N TRP A 556 -7.10 -9.58 -18.05
CA TRP A 556 -8.22 -9.06 -17.28
C TRP A 556 -7.58 -8.05 -16.33
N LEU A 557 -7.85 -6.76 -16.57
CA LEU A 557 -7.33 -5.67 -15.74
C LEU A 557 -8.45 -4.83 -15.10
N LEU A 558 -8.05 -3.95 -14.19
CA LEU A 558 -9.02 -3.10 -13.49
C LEU A 558 -8.90 -1.62 -13.85
N ARG A 559 -10.01 -0.92 -13.74
N ARG A 559 -10.01 -0.92 -13.74
CA ARG A 559 -10.05 0.54 -13.88
CA ARG A 559 -10.05 0.53 -13.90
C ARG A 559 -9.58 1.16 -12.60
C ARG A 559 -9.58 1.16 -12.61
N PHE A 560 -8.26 1.23 -12.46
CA PHE A 560 -7.64 1.52 -11.19
C PHE A 560 -6.47 2.43 -11.47
N PRO A 561 -6.71 3.61 -12.04
CA PRO A 561 -8.02 4.20 -12.30
C PRO A 561 -8.50 4.04 -13.72
N ALA A 562 -9.80 4.24 -13.92
CA ALA A 562 -10.40 4.17 -15.25
C ALA A 562 -9.68 4.98 -16.35
N VAL A 563 -9.21 6.17 -16.03
CA VAL A 563 -8.58 6.97 -17.07
C VAL A 563 -7.26 6.37 -17.57
N GLY A 564 -6.72 5.36 -16.89
CA GLY A 564 -5.61 4.57 -17.44
C GLY A 564 -5.95 3.62 -18.58
N GLU A 565 -7.23 3.28 -18.74
CA GLU A 565 -7.63 2.26 -19.70
C GLU A 565 -7.27 2.61 -21.15
N PRO A 566 -7.62 3.81 -21.63
CA PRO A 566 -7.28 4.02 -23.03
C PRO A 566 -5.77 4.11 -23.28
N ASN A 567 -5.00 4.56 -22.32
CA ASN A 567 -3.55 4.50 -22.49
C ASN A 567 -3.06 3.06 -22.69
N ILE A 568 -3.44 2.17 -21.76
CA ILE A 568 -3.10 0.75 -21.89
C ILE A 568 -3.59 0.20 -23.24
N GLN A 569 -4.85 0.44 -23.59
CA GLN A 569 -5.37 -0.09 -24.83
C GLN A 569 -4.58 0.41 -26.03
N GLN A 570 -4.23 1.70 -26.07
CA GLN A 570 -3.44 2.23 -27.19
C GLN A 570 -2.04 1.61 -27.31
N TYR A 571 -1.30 1.52 -26.21
CA TYR A 571 0.06 0.97 -26.28
C TYR A 571 0.03 -0.52 -26.70
N ALA A 572 -1.01 -1.23 -26.27
CA ALA A 572 -1.25 -2.60 -26.68
C ALA A 572 -1.65 -2.68 -28.16
N GLN A 573 -2.46 -1.73 -28.65
CA GLN A 573 -2.82 -1.70 -30.08
C GLN A 573 -1.56 -1.53 -30.94
N ASN A 574 -0.65 -0.68 -30.49
CA ASN A 574 0.65 -0.47 -31.15
C ASN A 574 1.60 -1.65 -31.06
N MET A 575 1.38 -2.55 -30.12
CA MET A 575 2.17 -3.77 -30.03
C MET A 575 1.56 -4.90 -30.90
N GLY A 576 0.46 -4.61 -31.59
CA GLY A 576 -0.18 -5.58 -32.49
C GLY A 576 -1.31 -6.39 -31.87
N LEU A 577 -1.85 -5.93 -30.76
CA LEU A 577 -2.96 -6.63 -30.13
C LEU A 577 -4.28 -6.00 -30.52
N PRO A 578 -5.21 -6.77 -31.11
CA PRO A 578 -6.56 -6.20 -31.23
C PRO A 578 -7.17 -5.88 -29.86
N GLN A 579 -8.24 -5.09 -29.84
CA GLN A 579 -8.71 -4.42 -28.59
C GLN A 579 -9.39 -5.38 -27.62
N ASN A 580 -10.20 -6.24 -28.20
CA ASN A 580 -10.88 -7.30 -27.47
C ASN A 580 -9.95 -8.25 -26.69
N ARG A 581 -8.63 -8.08 -26.77
CA ARG A 581 -7.73 -8.96 -26.05
C ARG A 581 -7.53 -8.52 -24.57
N ILE A 582 -7.86 -7.28 -24.24
CA ILE A 582 -7.74 -6.79 -22.88
C ILE A 582 -9.07 -6.34 -22.37
N ILE A 583 -9.52 -6.96 -21.28
CA ILE A 583 -10.83 -6.66 -20.68
C ILE A 583 -10.69 -5.98 -19.31
N PHE A 584 -11.36 -4.85 -19.17
CA PHE A 584 -11.32 -4.02 -17.95
C PHE A 584 -12.59 -4.19 -17.16
N SER A 585 -12.43 -4.35 -15.86
CA SER A 585 -13.58 -4.33 -14.94
C SER A 585 -13.37 -3.24 -13.91
N PRO A 586 -14.45 -2.81 -13.28
CA PRO A 586 -14.28 -1.87 -12.16
C PRO A 586 -13.60 -2.49 -10.93
N VAL A 587 -12.97 -1.63 -10.12
CA VAL A 587 -12.55 -2.01 -8.78
C VAL A 587 -13.78 -2.51 -8.03
N ALA A 588 -13.64 -3.58 -7.24
CA ALA A 588 -14.76 -4.16 -6.53
C ALA A 588 -14.61 -3.98 -5.03
N PRO A 589 -15.69 -4.16 -4.30
CA PRO A 589 -15.54 -4.36 -2.86
C PRO A 589 -14.55 -5.49 -2.55
N LYS A 590 -13.93 -5.43 -1.38
CA LYS A 590 -12.86 -6.35 -1.00
C LYS A 590 -13.22 -7.85 -1.22
N GLU A 591 -14.35 -8.30 -0.71
CA GLU A 591 -14.70 -9.73 -0.79
C GLU A 591 -14.93 -10.20 -2.23
N GLU A 592 -15.55 -9.35 -3.05
CA GLU A 592 -15.82 -9.67 -4.44
C GLU A 592 -14.52 -9.76 -5.24
N HIS A 593 -13.66 -8.77 -5.03
CA HIS A 593 -12.31 -8.78 -5.61
C HIS A 593 -11.62 -10.11 -5.32
N VAL A 594 -11.67 -10.59 -4.09
CA VAL A 594 -10.95 -11.82 -3.76
C VAL A 594 -11.66 -13.02 -4.38
N ARG A 595 -12.99 -13.07 -4.24
CA ARG A 595 -13.80 -14.14 -4.80
C ARG A 595 -13.65 -14.27 -6.31
N ARG A 596 -13.68 -13.15 -7.01
CA ARG A 596 -13.72 -13.17 -8.46
C ARG A 596 -12.41 -13.62 -9.11
N GLY A 597 -11.31 -13.60 -8.37
CA GLY A 597 -10.05 -14.14 -8.85
C GLY A 597 -10.17 -15.63 -9.16
N GLN A 598 -11.14 -16.31 -8.56
CA GLN A 598 -11.42 -17.70 -8.92
C GLN A 598 -11.75 -17.89 -10.40
N LEU A 599 -12.12 -16.82 -11.11
CA LEU A 599 -12.52 -16.92 -12.50
C LEU A 599 -11.32 -16.92 -13.45
N ALA A 600 -10.18 -16.46 -12.97
CA ALA A 600 -9.01 -16.40 -13.80
C ALA A 600 -8.38 -17.77 -13.87
N ASP A 601 -7.55 -17.96 -14.92
CA ASP A 601 -6.69 -19.14 -15.01
C ASP A 601 -5.33 -18.91 -14.36
N VAL A 602 -4.75 -17.76 -14.65
CA VAL A 602 -3.39 -17.41 -14.26
C VAL A 602 -3.34 -15.91 -13.96
N CYS A 603 -2.47 -15.53 -13.02
CA CYS A 603 -2.22 -14.16 -12.72
C CYS A 603 -0.85 -13.85 -13.23
N LEU A 604 -0.71 -12.74 -13.94
CA LEU A 604 0.58 -12.27 -14.39
C LEU A 604 1.00 -11.13 -13.49
N ASP A 605 2.00 -11.36 -12.63
CA ASP A 605 2.45 -10.38 -11.68
C ASP A 605 3.24 -9.27 -12.38
N THR A 606 3.25 -8.09 -11.76
CA THR A 606 3.95 -6.90 -12.25
C THR A 606 5.40 -6.95 -11.75
N PRO A 607 6.37 -7.06 -12.65
CA PRO A 607 7.74 -7.14 -12.14
C PRO A 607 8.26 -5.84 -11.55
N LEU A 608 7.83 -4.70 -12.06
CA LEU A 608 8.34 -3.42 -11.56
C LEU A 608 8.03 -3.26 -10.07
N CYS A 609 6.76 -3.45 -9.71
CA CYS A 609 6.37 -3.57 -8.30
C CYS A 609 5.30 -4.63 -8.23
N ASN A 610 5.56 -5.71 -7.48
CA ASN A 610 4.66 -6.87 -7.50
C ASN A 610 3.36 -6.57 -6.77
N GLY A 611 2.38 -7.46 -6.96
CA GLY A 611 1.29 -7.54 -6.02
C GLY A 611 1.85 -7.94 -4.68
N HIS A 612 1.47 -7.22 -3.63
CA HIS A 612 1.84 -7.59 -2.28
C HIS A 612 0.57 -8.08 -1.63
N THR A 613 -0.23 -7.20 -1.04
CA THR A 613 -1.58 -7.58 -0.64
C THR A 613 -2.29 -8.30 -1.79
N THR A 614 -2.20 -7.71 -2.97
CA THR A 614 -2.87 -8.20 -4.18
C THR A 614 -2.46 -9.62 -4.59
N GLY A 615 -1.22 -9.99 -4.24
CA GLY A 615 -0.69 -11.30 -4.51
C GLY A 615 -1.28 -12.34 -3.60
N MET A 616 -1.34 -12.02 -2.31
CA MET A 616 -2.03 -12.87 -1.34
C MET A 616 -3.49 -13.07 -1.78
N ASP A 617 -4.12 -12.01 -2.26
CA ASP A 617 -5.52 -12.06 -2.69
C ASP A 617 -5.71 -13.11 -3.78
N VAL A 618 -4.85 -13.09 -4.79
CA VAL A 618 -5.03 -13.94 -5.95
C VAL A 618 -4.74 -15.41 -5.61
N LEU A 619 -3.74 -15.64 -4.78
CA LEU A 619 -3.39 -16.96 -4.35
C LEU A 619 -4.48 -17.62 -3.49
N TRP A 620 -5.18 -16.85 -2.66
CA TRP A 620 -6.29 -17.37 -1.84
C TRP A 620 -7.43 -17.96 -2.69
N ALA A 621 -7.57 -17.46 -3.91
CA ALA A 621 -8.58 -17.96 -4.86
C ALA A 621 -8.11 -19.24 -5.59
N GLY A 622 -6.85 -19.63 -5.40
CA GLY A 622 -6.31 -20.83 -6.05
C GLY A 622 -5.65 -20.50 -7.38
N THR A 623 -5.48 -19.20 -7.64
CA THR A 623 -4.98 -18.78 -8.93
C THR A 623 -3.45 -18.70 -8.94
N PRO A 624 -2.79 -19.53 -9.78
CA PRO A 624 -1.33 -19.43 -9.90
C PRO A 624 -0.88 -18.05 -10.39
N MET A 625 0.26 -17.61 -9.89
CA MET A 625 0.78 -16.29 -10.21
C MET A 625 2.20 -16.42 -10.72
N VAL A 626 2.41 -15.92 -11.93
CA VAL A 626 3.73 -15.93 -12.57
C VAL A 626 4.42 -14.62 -12.24
N THR A 627 5.65 -14.67 -11.74
CA THR A 627 6.37 -13.48 -11.35
C THR A 627 7.82 -13.53 -11.77
N MET A 628 8.47 -12.37 -11.77
CA MET A 628 9.91 -12.28 -12.06
C MET A 628 10.57 -11.37 -11.03
N PRO A 629 11.19 -11.93 -10.01
CA PRO A 629 11.73 -11.04 -8.99
C PRO A 629 12.81 -10.13 -9.52
N GLY A 630 12.90 -8.92 -8.98
CA GLY A 630 13.84 -7.90 -9.47
C GLY A 630 14.85 -7.49 -8.42
N GLU A 631 15.23 -6.21 -8.42
CA GLU A 631 16.33 -5.69 -7.62
C GLU A 631 15.87 -4.80 -6.47
N THR A 632 14.58 -4.78 -6.17
CA THR A 632 14.06 -3.98 -5.05
C THR A 632 13.20 -4.89 -4.17
N LEU A 633 13.07 -4.57 -2.88
CA LEU A 633 12.20 -5.35 -2.02
C LEU A 633 10.83 -5.54 -2.71
N ALA A 634 10.30 -4.45 -3.25
CA ALA A 634 8.95 -4.43 -3.84
C ALA A 634 8.77 -5.33 -5.06
N SER A 635 9.85 -5.65 -5.77
CA SER A 635 9.77 -6.50 -6.96
C SER A 635 10.04 -7.96 -6.63
N ARG A 636 10.27 -8.27 -5.36
CA ARG A 636 10.59 -9.65 -4.98
C ARG A 636 9.58 -10.27 -4.00
N VAL A 637 8.57 -9.51 -3.57
CA VAL A 637 7.59 -10.01 -2.61
C VAL A 637 6.79 -11.19 -3.16
N ALA A 638 6.32 -11.10 -4.40
CA ALA A 638 5.53 -12.20 -4.98
C ALA A 638 6.32 -13.52 -5.03
N ALA A 639 7.61 -13.44 -5.36
CA ALA A 639 8.45 -14.61 -5.44
C ALA A 639 8.59 -15.24 -4.06
N SER A 640 8.74 -14.42 -3.02
CA SER A 640 8.75 -14.91 -1.63
C SER A 640 7.44 -15.60 -1.27
N GLN A 641 6.32 -14.97 -1.64
CA GLN A 641 5.03 -15.62 -1.40
C GLN A 641 5.01 -16.99 -2.03
N LEU A 642 5.41 -17.05 -3.29
CA LEU A 642 5.32 -18.27 -4.08
C LEU A 642 6.28 -19.35 -3.54
N THR A 643 7.44 -18.91 -3.07
CA THR A 643 8.41 -19.81 -2.44
C THR A 643 7.81 -20.46 -1.21
N CYS A 644 7.22 -19.63 -0.34
CA CYS A 644 6.58 -20.13 0.88
C CYS A 644 5.45 -21.05 0.51
N LEU A 645 4.73 -20.69 -0.55
CA LEU A 645 3.65 -21.54 -1.07
C LEU A 645 4.16 -22.89 -1.62
N GLY A 646 5.41 -22.93 -2.06
CA GLY A 646 6.03 -24.13 -2.60
C GLY A 646 5.77 -24.28 -4.08
N CYS A 647 5.76 -23.16 -4.81
CA CYS A 647 5.52 -23.19 -6.25
C CYS A 647 6.64 -22.48 -6.96
N LEU A 648 7.84 -23.05 -6.86
CA LEU A 648 9.02 -22.45 -7.45
C LEU A 648 8.94 -22.40 -8.97
N GLU A 649 8.17 -23.30 -9.57
CA GLU A 649 8.01 -23.29 -11.02
C GLU A 649 7.34 -22.03 -11.60
N LEU A 650 6.82 -21.16 -10.72
CA LEU A 650 6.14 -19.93 -11.14
C LEU A 650 7.02 -18.70 -11.05
N ILE A 651 8.26 -18.88 -10.61
CA ILE A 651 9.21 -17.79 -10.46
C ILE A 651 10.16 -17.77 -11.67
N ALA A 652 10.14 -16.68 -12.45
CA ALA A 652 10.98 -16.51 -13.64
C ALA A 652 12.27 -15.76 -13.32
N LYS A 653 13.39 -16.21 -13.90
CA LYS A 653 14.66 -15.48 -13.71
C LYS A 653 14.90 -14.51 -14.85
N ASN A 654 14.02 -14.47 -15.84
CA ASN A 654 14.05 -13.42 -16.87
C ASN A 654 12.79 -13.41 -17.70
N ARG A 655 12.72 -12.46 -18.62
CA ARG A 655 11.49 -12.17 -19.36
C ARG A 655 11.09 -13.30 -20.26
N GLN A 656 12.08 -13.92 -20.88
CA GLN A 656 11.80 -15.05 -21.73
C GLN A 656 11.18 -16.17 -20.91
N GLU A 657 11.78 -16.44 -19.76
CA GLU A 657 11.23 -17.45 -18.86
C GLU A 657 9.80 -17.12 -18.39
N TYR A 658 9.55 -15.85 -18.02
CA TYR A 658 8.22 -15.39 -17.57
C TYR A 658 7.20 -15.65 -18.66
N GLU A 659 7.53 -15.25 -19.88
CA GLU A 659 6.62 -15.48 -21.00
C GLU A 659 6.42 -16.97 -21.24
N ASP A 660 7.50 -17.75 -21.16
CA ASP A 660 7.42 -19.21 -21.47
C ASP A 660 6.51 -19.89 -20.43
N ILE A 661 6.78 -19.61 -19.17
CA ILE A 661 5.94 -20.14 -18.06
C ILE A 661 4.47 -19.82 -18.31
N ALA A 662 4.21 -18.57 -18.59
CA ALA A 662 2.87 -18.09 -18.81
C ALA A 662 2.23 -18.68 -20.04
N VAL A 663 3.00 -18.81 -21.12
CA VAL A 663 2.42 -19.44 -22.33
C VAL A 663 2.17 -20.92 -22.06
N LYS A 664 3.08 -21.54 -21.35
CA LYS A 664 2.86 -22.94 -20.99
C LYS A 664 1.56 -23.14 -20.20
N LEU A 665 1.27 -22.25 -19.24
CA LEU A 665 0.06 -22.45 -18.40
C LEU A 665 -1.20 -22.20 -19.22
N GLY A 666 -1.09 -21.38 -20.26
CA GLY A 666 -2.24 -21.12 -21.13
C GLY A 666 -2.46 -22.06 -22.29
N THR A 667 -1.52 -22.98 -22.54
CA THR A 667 -1.66 -23.96 -23.65
C THR A 667 -1.63 -25.44 -23.20
N ASP A 668 -0.67 -25.79 -22.33
CA ASP A 668 -0.63 -27.11 -21.70
C ASP A 668 -1.68 -27.25 -20.59
N LEU A 669 -2.90 -27.62 -20.95
CA LEU A 669 -3.99 -27.56 -20.03
C LEU A 669 -3.91 -28.53 -18.84
N GLU A 670 -3.29 -29.70 -19.03
CA GLU A 670 -3.07 -30.64 -17.94
C GLU A 670 -2.05 -30.10 -17.00
N TYR A 671 -1.06 -29.39 -17.52
CA TYR A 671 -0.10 -28.73 -16.62
C TYR A 671 -0.80 -27.61 -15.83
N LEU A 672 -1.70 -26.89 -16.49
CA LEU A 672 -2.45 -25.82 -15.83
C LEU A 672 -3.24 -26.42 -14.68
N LYS A 673 -3.86 -27.56 -14.94
CA LYS A 673 -4.70 -28.21 -13.95
C LYS A 673 -3.85 -28.68 -12.78
N LYS A 674 -2.70 -29.22 -13.10
CA LYS A 674 -1.79 -29.63 -12.05
C LYS A 674 -1.41 -28.42 -11.19
N VAL A 675 -0.93 -27.35 -11.81
CA VAL A 675 -0.38 -26.22 -11.06
C VAL A 675 -1.45 -25.53 -10.23
N ARG A 676 -2.66 -25.39 -10.77
CA ARG A 676 -3.79 -24.85 -10.03
C ARG A 676 -4.12 -25.75 -8.84
N GLY A 677 -4.14 -27.06 -9.04
CA GLY A 677 -4.41 -27.99 -7.94
C GLY A 677 -3.40 -27.79 -6.83
N LYS A 678 -2.16 -27.56 -7.19
CA LYS A 678 -1.12 -27.36 -6.21
C LYS A 678 -1.31 -26.05 -5.39
N VAL A 679 -1.63 -24.95 -6.10
CA VAL A 679 -1.91 -23.69 -5.40
C VAL A 679 -3.14 -23.85 -4.49
N TRP A 680 -4.21 -24.42 -5.03
CA TRP A 680 -5.44 -24.64 -4.29
C TRP A 680 -5.24 -25.37 -2.97
N LYS A 681 -4.41 -26.41 -2.96
CA LYS A 681 -4.11 -27.16 -1.75
C LYS A 681 -3.09 -26.47 -0.85
N GLN A 682 -2.02 -25.94 -1.45
CA GLN A 682 -0.94 -25.38 -0.65
C GLN A 682 -1.33 -24.06 0.02
N ARG A 683 -2.42 -23.44 -0.43
CA ARG A 683 -2.83 -22.21 0.29
C ARG A 683 -3.27 -22.59 1.72
N ILE A 684 -3.64 -23.83 1.94
CA ILE A 684 -3.97 -24.35 3.27
C ILE A 684 -2.81 -25.11 3.95
N SER A 685 -2.19 -26.04 3.20
N SER A 685 -2.20 -26.06 3.22
CA SER A 685 -1.16 -26.91 3.76
CA SER A 685 -1.15 -26.90 3.80
C SER A 685 0.21 -26.25 3.90
C SER A 685 0.16 -26.13 4.03
N SER A 686 0.46 -25.15 3.19
CA SER A 686 1.69 -24.38 3.37
C SER A 686 1.53 -23.39 4.51
N PRO A 687 2.63 -22.76 4.95
CA PRO A 687 2.58 -21.68 5.94
C PRO A 687 1.96 -20.33 5.49
N LEU A 688 1.68 -20.15 4.20
CA LEU A 688 1.48 -18.77 3.68
C LEU A 688 0.36 -17.96 4.39
N PHE A 689 -0.77 -18.62 4.63
CA PHE A 689 -1.95 -18.02 5.25
C PHE A 689 -2.17 -18.49 6.69
N ASN A 690 -1.13 -19.04 7.30
CA ASN A 690 -1.24 -19.62 8.64
C ASN A 690 -0.78 -18.62 9.65
N THR A 691 -1.73 -17.86 10.16
CA THR A 691 -1.41 -16.74 11.03
C THR A 691 -0.86 -17.17 12.38
N LYS A 692 -1.33 -18.31 12.92
CA LYS A 692 -0.77 -18.82 14.18
C LYS A 692 0.71 -19.18 14.04
N GLN A 693 1.02 -19.98 13.02
CA GLN A 693 2.41 -20.30 12.75
C GLN A 693 3.22 -19.04 12.53
N TYR A 694 2.77 -18.14 11.66
CA TYR A 694 3.48 -16.85 11.47
C TYR A 694 3.77 -16.14 12.79
N THR A 695 2.75 -15.99 13.63
CA THR A 695 2.91 -15.28 14.89
C THR A 695 3.99 -15.95 15.77
N MET A 696 4.02 -17.28 15.79
CA MET A 696 4.96 -18.04 16.62
C MET A 696 6.40 -17.86 16.10
N GLU A 697 6.58 -17.91 14.79
CA GLU A 697 7.87 -17.60 14.18
C GLU A 697 8.29 -16.14 14.42
N LEU A 698 7.33 -15.25 14.30
CA LEU A 698 7.60 -13.84 14.59
C LEU A 698 8.04 -13.67 16.05
N GLU A 699 7.48 -14.49 16.92
CA GLU A 699 7.85 -14.46 18.33
C GLU A 699 9.29 -14.97 18.56
N ARG A 700 9.70 -16.03 17.87
CA ARG A 700 11.09 -16.51 17.96
C ARG A 700 12.03 -15.39 17.57
N LEU A 701 11.79 -14.84 16.37
CA LEU A 701 12.61 -13.75 15.86
C LEU A 701 12.67 -12.60 16.86
N TYR A 702 11.56 -12.25 17.49
CA TYR A 702 11.56 -11.18 18.48
C TYR A 702 12.46 -11.48 19.67
N LEU A 703 12.55 -12.75 20.06
CA LEU A 703 13.34 -13.10 21.23
C LEU A 703 14.81 -13.13 20.85
N GLN A 704 15.13 -13.59 19.64
CA GLN A 704 16.49 -13.47 19.13
C GLN A 704 16.94 -12.03 19.20
N MET A 705 16.13 -11.14 18.65
CA MET A 705 16.43 -9.72 18.71
C MET A 705 16.63 -9.25 20.15
N TRP A 706 15.87 -9.82 21.06
CA TRP A 706 15.99 -9.43 22.44
C TRP A 706 17.25 -9.96 23.14
N GLU A 707 17.60 -11.24 22.93
CA GLU A 707 18.80 -11.81 23.53
C GLU A 707 19.99 -10.98 23.10
N HIS A 708 20.21 -10.97 21.79
CA HIS A 708 21.33 -10.28 21.21
C HIS A 708 21.56 -8.93 21.86
N TYR A 709 20.51 -8.20 22.22
CA TYR A 709 20.72 -6.90 22.86
C TYR A 709 20.83 -6.96 24.38
N ALA A 710 20.10 -7.88 25.02
CA ALA A 710 20.20 -8.06 26.48
C ALA A 710 21.63 -8.48 26.83
N ALA A 711 22.20 -9.34 26.00
CA ALA A 711 23.61 -9.69 26.08
C ALA A 711 24.54 -8.52 25.72
N GLY A 712 24.06 -7.28 25.78
CA GLY A 712 24.90 -6.10 25.53
C GLY A 712 25.32 -5.85 24.09
N ASN A 713 25.02 -6.75 23.16
CA ASN A 713 25.47 -6.58 21.76
C ASN A 713 24.53 -5.58 21.11
N LYS A 714 24.74 -5.33 19.83
CA LYS A 714 23.89 -4.39 19.10
C LYS A 714 23.51 -4.94 17.74
N PRO A 715 22.64 -4.23 17.01
CA PRO A 715 22.04 -4.83 15.81
C PRO A 715 23.01 -5.56 14.89
N ASP A 716 22.66 -6.80 14.53
CA ASP A 716 23.39 -7.50 13.48
C ASP A 716 22.47 -8.46 12.72
N HIS A 717 22.80 -8.77 11.47
CA HIS A 717 21.95 -9.64 10.63
C HIS A 717 21.55 -10.93 11.32
N MET A 718 20.30 -11.35 11.11
CA MET A 718 19.75 -12.53 11.78
C MET A 718 19.25 -13.51 10.74
N ILE A 719 19.99 -14.62 10.60
CA ILE A 719 19.75 -15.62 9.57
C ILE A 719 20.30 -16.98 10.02
N VAL B 1 -15.25 3.40 -1.35
CA VAL B 1 -13.78 3.64 -1.49
C VAL B 1 -12.92 2.43 -1.10
N THR B 2 -11.82 2.25 -1.82
CA THR B 2 -10.96 1.12 -1.55
C THR B 2 -9.63 1.66 -1.09
N PRO B 3 -9.31 1.42 0.18
CA PRO B 3 -8.07 1.94 0.73
C PRO B 3 -6.90 1.15 0.17
N VAL B 4 -5.76 1.83 0.00
CA VAL B 4 -4.57 1.27 -0.62
C VAL B 4 -3.35 1.78 0.14
N SER B 5 -2.19 1.17 -0.06
CA SER B 5 -0.95 1.80 0.44
C SER B 5 -0.64 3.06 -0.37
N THR B 6 -0.48 4.22 0.28
CA THR B 6 -0.03 5.46 -0.43
C THR B 6 1.06 6.19 0.32
N ALA B 7 1.88 6.93 -0.45
CA ALA B 7 2.97 7.76 0.08
C ALA B 7 2.49 8.75 1.13
N ALA B 8 3.26 8.90 2.20
N1 12V C . -8.69 -4.27 -3.86
C2 12V C . -10.04 -4.26 -3.75
O2 12V C . -10.61 -4.19 -2.68
N3 12V C . -10.83 -4.38 -4.85
C4 12V C . -10.27 -4.54 -6.10
O4 12V C . -11.02 -4.65 -7.06
C5 12V C . -8.88 -4.55 -6.23
C6 12V C . -8.09 -4.40 -5.11
PA 12V C . -2.37 -1.75 -2.64
PB 12V C . -0.54 -3.98 -2.72
C1' 12V C . 0.19 -2.89 -0.31
O1' 12V C . -0.20 -4.24 -1.21
O1A 12V C . -1.55 -1.22 -1.56
C1B 12V C . -7.86 -4.09 -2.65
O1B 12V C . -0.66 -5.25 -3.50
C2' 12V C . 1.74 -2.53 -0.10
N2' 12V C . 2.34 -2.20 -1.43
O2' 12V C . -7.24 -6.24 -1.68
O2A 12V C . -2.35 -1.10 -3.96
C2B 12V C . -6.75 -5.07 -2.42
O2B 12V C . 0.39 -2.97 -3.23
C3' 12V C . 2.49 -3.68 0.68
O3' 12V C . 3.97 -3.69 0.54
O3A 12V C . -2.01 -3.31 -2.75
C3B 12V C . -5.87 -4.21 -1.57
O3B 12V C . -6.31 -4.21 -0.23
C4' 12V C . 2.19 -3.63 2.18
O4' 12V C . 2.61 -4.85 2.75
C4B 12V C . -6.03 -2.79 -2.14
O4B 12V C . -7.22 -2.82 -2.96
C5' 12V C . 0.66 -3.38 2.56
S5' 12V C . -0.50 -2.72 1.34
C5B 12V C . -4.87 -2.39 -3.04
O5B 12V C . -3.89 -1.84 -2.18
C6' 12V C . 0.86 -2.52 3.82
O6' 12V C . -0.34 -2.36 4.59
C7' 12V C . 2.82 -0.96 -1.67
O7' 12V C . 2.80 -0.07 -0.83
C8' 12V C . 3.47 -0.73 -3.07
P PO4 D . -10.41 18.41 -7.64
O1 PO4 D . -9.47 19.50 -7.18
O2 PO4 D . -11.57 18.32 -6.67
O3 PO4 D . -9.67 17.09 -7.71
O4 PO4 D . -10.91 18.71 -9.03
P PO4 E . -5.25 11.43 -18.42
O1 PO4 E . -5.53 11.41 -16.94
O2 PO4 E . -6.49 11.96 -19.12
O3 PO4 E . -4.06 12.33 -18.68
O4 PO4 E . -4.99 10.01 -18.89
#